data_5KKT
#
_entry.id   5KKT
#
_cell.length_a   182.910
_cell.length_b   182.910
_cell.length_c   90.560
_cell.angle_alpha   90.000
_cell.angle_beta   90.000
_cell.angle_gamma   120.000
#
_symmetry.space_group_name_H-M   'P 31 2 1'
#
loop_
_entity.id
_entity.type
_entity.pdbx_description
1 polymer 'Rho-associated protein kinase 1'
2 non-polymer 2-[3-[3-(4-methylpiperazin-1-yl)propoxy]phenyl]-~{N}-[4-(1~{H}-pyrrolo[2,3-b]pyridin-3-yl)-1,3-thiazol-2-yl]ethanamide
3 water water
#
_entity_poly.entity_id   1
_entity_poly.type   'polypeptide(L)'
_entity_poly.pdbx_seq_one_letter_code
;GSLHMSFETRFEKMDNLLRDPKSEVNSDCLLDGLDALVYDLDFPALRKNKNIDNFLSRYKDTINKIRDLRMKAEDYEVVK
VIGRGAFGEVQLVRHKSTRKVYAMKLLSKFEMIKRSDSAFFWEERDIMAFANSPWVVQLFYAFQDDRYLYMVMEYMPGGD
LVNLMSNYDVPEKWARFYTAEVVLALDAIHSMGFIHRDVKPDNMLLDKSGHLKLADFGTCMKMNKEGMVRCDTAVGTPDY
ISPEVLKSQGGDGYYGRECDWWSVGVFLYEMLVGDTPFYADSLVGTYSKIMNHKNSLTFPDDNDISKEAKNLICAFLTDR
EVRLGRNGVEEIKRHLFFKNDQWAWETLRDTVAPVVPDLSSDIDTSNFDDLEEDKGEEETFPIPKAFVGNQLPFVGFTYY
SNRRYLSSANPNDNR
;
_entity_poly.pdbx_strand_id   A,B
#
# COMPACT_ATOMS: atom_id res chain seq x y z
N SER A 6 -5.19 11.51 22.02
CA SER A 6 -4.56 10.39 22.73
C SER A 6 -3.86 9.49 21.74
N PHE A 7 -3.05 8.53 22.24
CA PHE A 7 -2.32 7.54 21.44
C PHE A 7 -3.33 6.60 20.72
N GLU A 8 -4.33 6.08 21.49
CA GLU A 8 -5.40 5.20 21.01
C GLU A 8 -6.30 5.89 19.99
N THR A 9 -6.61 7.19 20.19
CA THR A 9 -7.45 7.98 19.26
C THR A 9 -6.73 8.04 17.90
N ARG A 10 -5.42 8.35 17.92
CA ARG A 10 -4.59 8.43 16.73
C ARG A 10 -4.56 7.08 16.04
N PHE A 11 -4.33 6.00 16.81
CA PHE A 11 -4.32 4.62 16.30
C PHE A 11 -5.64 4.27 15.59
N GLU A 12 -6.78 4.60 16.23
CA GLU A 12 -8.13 4.32 15.70
C GLU A 12 -8.48 5.17 14.51
N LYS A 13 -8.12 6.48 14.49
CA LYS A 13 -8.37 7.36 13.33
C LYS A 13 -7.63 6.83 12.12
N MET A 14 -6.41 6.30 12.33
CA MET A 14 -5.56 5.70 11.32
C MET A 14 -6.19 4.40 10.79
N ASP A 15 -6.78 3.61 11.70
CA ASP A 15 -7.44 2.36 11.35
C ASP A 15 -8.68 2.60 10.49
N ASN A 16 -9.49 3.63 10.82
CA ASN A 16 -10.69 3.94 10.02
C ASN A 16 -10.31 4.45 8.65
N LEU A 17 -9.19 5.16 8.53
CA LEU A 17 -8.63 5.64 7.27
C LEU A 17 -8.20 4.48 6.36
N LEU A 18 -7.94 3.29 6.93
CA LEU A 18 -7.51 2.11 6.17
C LEU A 18 -8.63 1.18 5.76
N ARG A 19 -9.70 1.17 6.55
CA ARG A 19 -10.86 0.32 6.33
C ARG A 19 -11.88 0.99 5.42
N ASP A 20 -12.07 2.33 5.56
CA ASP A 20 -13.09 3.10 4.87
C ASP A 20 -13.10 2.87 3.35
N PRO A 21 -14.22 2.28 2.82
CA PRO A 21 -14.34 2.07 1.36
C PRO A 21 -14.16 3.34 0.51
N LYS A 22 -14.31 4.55 1.12
CA LYS A 22 -14.22 5.82 0.43
C LYS A 22 -12.91 6.59 0.77
N SER A 23 -12.04 6.05 1.66
CA SER A 23 -10.73 6.64 2.00
C SER A 23 -9.70 6.49 0.89
N GLU A 24 -8.81 7.50 0.71
CA GLU A 24 -7.73 7.54 -0.29
C GLU A 24 -6.50 6.71 0.15
N VAL A 25 -6.43 6.37 1.44
CA VAL A 25 -5.38 5.53 2.01
C VAL A 25 -5.94 4.18 2.45
N ASN A 26 -7.10 3.74 1.91
CA ASN A 26 -7.59 2.40 2.25
C ASN A 26 -6.66 1.36 1.60
N SER A 27 -6.76 0.09 2.01
CA SER A 27 -5.89 -0.97 1.50
C SER A 27 -5.82 -1.08 -0.05
N ASP A 28 -6.97 -0.88 -0.74
CA ASP A 28 -7.09 -0.90 -2.20
C ASP A 28 -6.17 0.14 -2.84
N CYS A 29 -6.14 1.36 -2.28
CA CYS A 29 -5.31 2.46 -2.77
C CYS A 29 -3.87 2.16 -2.48
N LEU A 30 -3.62 1.66 -1.26
CA LEU A 30 -2.25 1.39 -0.84
C LEU A 30 -1.60 0.32 -1.70
N LEU A 31 -2.30 -0.79 -1.96
CA LEU A 31 -1.81 -1.84 -2.87
C LEU A 31 -1.65 -1.30 -4.29
N ASP A 32 -2.60 -0.43 -4.76
CA ASP A 32 -2.54 0.25 -6.07
C ASP A 32 -1.29 1.09 -6.15
N GLY A 33 -0.99 1.83 -5.08
CA GLY A 33 0.17 2.69 -4.97
C GLY A 33 1.47 1.93 -5.14
N LEU A 34 1.54 0.70 -4.59
CA LEU A 34 2.73 -0.15 -4.65
C LEU A 34 2.85 -0.82 -6.02
N ASP A 35 1.74 -1.35 -6.54
CA ASP A 35 1.64 -1.98 -7.86
C ASP A 35 2.04 -0.97 -8.97
N ALA A 36 1.62 0.30 -8.83
CA ALA A 36 1.92 1.40 -9.75
C ALA A 36 3.40 1.78 -9.67
N LEU A 37 3.98 1.77 -8.46
CA LEU A 37 5.40 2.10 -8.28
C LEU A 37 6.26 1.08 -9.02
N VAL A 38 5.98 -0.21 -8.82
CA VAL A 38 6.68 -1.35 -9.43
C VAL A 38 6.48 -1.38 -10.97
N TYR A 39 5.29 -1.00 -11.49
CA TYR A 39 5.06 -0.96 -12.96
C TYR A 39 5.89 0.15 -13.61
N ASP A 40 5.86 1.36 -13.00
CA ASP A 40 6.55 2.55 -13.45
C ASP A 40 8.07 2.49 -13.29
N LEU A 41 8.59 1.64 -12.38
CA LEU A 41 10.02 1.53 -12.14
C LEU A 41 10.72 0.39 -12.89
N ASP A 42 10.02 -0.71 -13.22
CA ASP A 42 10.64 -1.88 -13.88
C ASP A 42 10.90 -1.68 -15.39
N PHE A 43 11.96 -0.93 -15.69
CA PHE A 43 12.48 -0.63 -17.03
C PHE A 43 13.99 -0.62 -16.90
N PRO A 44 14.75 -1.15 -17.89
CA PRO A 44 16.22 -1.23 -17.72
C PRO A 44 16.93 0.10 -17.43
N ALA A 45 16.49 1.20 -18.11
CA ALA A 45 17.00 2.57 -17.98
C ALA A 45 16.92 3.13 -16.55
N LEU A 46 15.84 2.80 -15.82
CA LEU A 46 15.63 3.24 -14.43
C LEU A 46 16.34 2.30 -13.47
N ARG A 47 16.43 1.01 -13.83
CA ARG A 47 17.09 -0.04 -13.04
C ARG A 47 18.60 0.18 -12.93
N LYS A 48 19.17 1.15 -13.70
CA LYS A 48 20.60 1.53 -13.63
C LYS A 48 20.86 2.16 -12.24
N ASN A 49 19.80 2.82 -11.69
CA ASN A 49 19.76 3.44 -10.37
C ASN A 49 19.66 2.33 -9.31
N LYS A 50 20.67 2.22 -8.41
CA LYS A 50 20.70 1.18 -7.37
C LYS A 50 19.51 1.23 -6.42
N ASN A 51 19.00 2.45 -6.09
CA ASN A 51 17.84 2.60 -5.22
C ASN A 51 16.63 1.89 -5.83
N ILE A 52 16.39 2.11 -7.15
CA ILE A 52 15.32 1.51 -7.93
C ILE A 52 15.53 -0.02 -8.10
N ASP A 53 16.76 -0.45 -8.49
CA ASP A 53 17.11 -1.86 -8.71
C ASP A 53 16.99 -2.69 -7.42
N ASN A 54 17.51 -2.18 -6.28
CA ASN A 54 17.44 -2.86 -4.98
C ASN A 54 16.02 -2.91 -4.47
N PHE A 55 15.21 -1.85 -4.75
CA PHE A 55 13.83 -1.80 -4.29
C PHE A 55 13.04 -2.88 -5.01
N LEU A 56 13.11 -2.91 -6.36
CA LEU A 56 12.42 -3.89 -7.20
C LEU A 56 12.81 -5.32 -6.85
N SER A 57 14.10 -5.57 -6.60
CA SER A 57 14.59 -6.90 -6.21
C SER A 57 14.00 -7.35 -4.89
N ARG A 58 13.92 -6.46 -3.88
CA ARG A 58 13.33 -6.70 -2.57
C ARG A 58 11.84 -7.06 -2.71
N TYR A 59 11.07 -6.28 -3.50
CA TYR A 59 9.65 -6.45 -3.68
C TYR A 59 9.24 -7.37 -4.83
N LYS A 60 10.21 -8.05 -5.48
CA LYS A 60 9.95 -8.95 -6.63
C LYS A 60 8.96 -10.07 -6.30
N ASP A 61 9.32 -10.93 -5.34
CA ASP A 61 8.53 -12.08 -4.88
C ASP A 61 7.14 -11.70 -4.39
N THR A 62 7.07 -10.66 -3.52
CA THR A 62 5.87 -10.08 -2.93
C THR A 62 4.91 -9.56 -4.01
N ILE A 63 5.40 -8.72 -4.94
CA ILE A 63 4.60 -8.15 -6.02
C ILE A 63 3.99 -9.22 -6.92
N ASN A 64 4.67 -10.37 -7.06
CA ASN A 64 4.17 -11.47 -7.87
C ASN A 64 3.03 -12.18 -7.13
N LYS A 65 3.16 -12.34 -5.80
CA LYS A 65 2.16 -12.95 -4.93
C LYS A 65 0.86 -12.10 -4.91
N ILE A 66 1.00 -10.79 -4.62
CA ILE A 66 -0.05 -9.76 -4.58
C ILE A 66 -0.77 -9.75 -5.93
N ARG A 67 -0.01 -9.73 -7.04
CA ARG A 67 -0.57 -9.74 -8.39
C ARG A 67 -1.40 -10.99 -8.66
N ASP A 68 -0.94 -12.15 -8.14
CA ASP A 68 -1.61 -13.45 -8.28
C ASP A 68 -2.87 -13.52 -7.42
N LEU A 69 -2.81 -13.03 -6.17
CA LEU A 69 -3.95 -13.07 -5.25
C LEU A 69 -5.05 -12.09 -5.58
N ARG A 70 -4.71 -10.83 -5.87
CA ARG A 70 -5.69 -9.79 -6.18
C ARG A 70 -6.42 -10.08 -7.51
N MET A 71 -7.56 -9.44 -7.72
CA MET A 71 -8.33 -9.59 -8.93
C MET A 71 -7.53 -9.12 -10.13
N LYS A 72 -7.60 -9.88 -11.23
CA LYS A 72 -6.92 -9.65 -12.49
C LYS A 72 -7.84 -10.11 -13.64
N ALA A 73 -7.56 -9.66 -14.87
CA ALA A 73 -8.34 -10.00 -16.07
C ALA A 73 -8.43 -11.52 -16.36
N GLU A 74 -7.35 -12.27 -16.10
CA GLU A 74 -7.28 -13.73 -16.34
C GLU A 74 -8.21 -14.54 -15.41
N ASP A 75 -8.88 -13.86 -14.45
CA ASP A 75 -9.86 -14.47 -13.55
C ASP A 75 -11.20 -14.60 -14.28
N TYR A 76 -11.36 -13.86 -15.37
CA TYR A 76 -12.59 -13.82 -16.14
C TYR A 76 -12.47 -14.49 -17.49
N GLU A 77 -13.48 -15.30 -17.81
CA GLU A 77 -13.67 -15.98 -19.08
C GLU A 77 -14.56 -15.02 -19.91
N VAL A 78 -14.04 -14.48 -21.03
CA VAL A 78 -14.81 -13.52 -21.85
C VAL A 78 -15.59 -14.31 -22.89
N VAL A 79 -16.92 -14.28 -22.75
CA VAL A 79 -17.92 -14.98 -23.56
C VAL A 79 -18.10 -14.28 -24.92
N LYS A 80 -18.30 -12.93 -24.92
CA LYS A 80 -18.54 -12.15 -26.13
C LYS A 80 -18.25 -10.67 -25.85
N VAL A 81 -17.81 -9.90 -26.87
CA VAL A 81 -17.63 -8.44 -26.75
C VAL A 81 -19.00 -7.90 -27.17
N ILE A 82 -19.72 -7.30 -26.22
CA ILE A 82 -21.09 -6.82 -26.40
C ILE A 82 -21.22 -5.29 -26.54
N GLY A 83 -20.12 -4.57 -26.47
CA GLY A 83 -20.11 -3.12 -26.57
C GLY A 83 -18.72 -2.59 -26.85
N ARG A 84 -18.70 -1.39 -27.44
CA ARG A 84 -17.48 -0.66 -27.79
C ARG A 84 -17.70 0.83 -27.51
N GLY A 85 -16.61 1.52 -27.29
CA GLY A 85 -16.58 2.94 -26.97
C GLY A 85 -15.24 3.52 -27.32
N ALA A 86 -15.09 4.82 -27.10
CA ALA A 86 -13.87 5.54 -27.48
C ALA A 86 -12.58 4.98 -26.82
N PHE A 87 -12.68 4.60 -25.52
CA PHE A 87 -11.53 4.16 -24.76
C PHE A 87 -11.50 2.68 -24.44
N GLY A 88 -12.34 1.88 -25.08
CA GLY A 88 -12.33 0.45 -24.81
C GLY A 88 -13.57 -0.33 -25.20
N GLU A 89 -13.86 -1.37 -24.42
CA GLU A 89 -14.99 -2.25 -24.72
C GLU A 89 -15.71 -2.78 -23.48
N VAL A 90 -16.92 -3.26 -23.67
CA VAL A 90 -17.73 -3.88 -22.62
C VAL A 90 -17.81 -5.33 -23.06
N GLN A 91 -17.35 -6.25 -22.20
CA GLN A 91 -17.40 -7.67 -22.56
C GLN A 91 -18.22 -8.49 -21.58
N LEU A 92 -19.01 -9.44 -22.10
CA LEU A 92 -19.79 -10.32 -21.24
C LEU A 92 -18.83 -11.37 -20.73
N VAL A 93 -18.61 -11.36 -19.40
CA VAL A 93 -17.69 -12.27 -18.74
C VAL A 93 -18.37 -13.18 -17.73
N ARG A 94 -17.71 -14.30 -17.44
CA ARG A 94 -18.04 -15.22 -16.37
C ARG A 94 -16.79 -15.35 -15.53
N HIS A 95 -16.89 -15.02 -14.23
CA HIS A 95 -15.78 -15.15 -13.26
C HIS A 95 -15.49 -16.66 -13.12
N LYS A 96 -14.32 -17.12 -13.60
CA LYS A 96 -13.93 -18.54 -13.64
C LYS A 96 -14.22 -19.30 -12.33
N SER A 97 -13.80 -18.76 -11.16
CA SER A 97 -13.99 -19.40 -9.86
C SER A 97 -15.47 -19.42 -9.36
N THR A 98 -16.13 -18.24 -9.24
CA THR A 98 -17.53 -18.13 -8.75
C THR A 98 -18.61 -18.57 -9.76
N ARG A 99 -18.26 -18.64 -11.05
CA ARG A 99 -19.15 -18.94 -12.17
C ARG A 99 -20.21 -17.82 -12.37
N LYS A 100 -20.06 -16.68 -11.65
CA LYS A 100 -20.97 -15.55 -11.74
C LYS A 100 -20.75 -14.75 -13.01
N VAL A 101 -21.85 -14.34 -13.65
CA VAL A 101 -21.88 -13.62 -14.94
C VAL A 101 -21.96 -12.10 -14.75
N TYR A 102 -21.06 -11.36 -15.43
CA TYR A 102 -20.97 -9.91 -15.33
C TYR A 102 -20.71 -9.28 -16.70
N ALA A 103 -20.87 -7.94 -16.77
CA ALA A 103 -20.48 -7.15 -17.93
C ALA A 103 -19.28 -6.38 -17.43
N MET A 104 -18.14 -6.50 -18.15
CA MET A 104 -16.88 -5.87 -17.75
C MET A 104 -16.42 -4.82 -18.73
N LYS A 105 -16.36 -3.54 -18.28
CA LYS A 105 -15.94 -2.37 -19.06
C LYS A 105 -14.46 -2.15 -18.89
N LEU A 106 -13.73 -2.11 -20.01
CA LEU A 106 -12.29 -1.86 -20.07
C LEU A 106 -12.05 -0.42 -20.55
N LEU A 107 -11.16 0.32 -19.88
CA LEU A 107 -10.78 1.66 -20.28
C LEU A 107 -9.26 1.71 -20.45
N SER A 108 -8.81 2.01 -21.67
CA SER A 108 -7.42 2.10 -22.04
C SER A 108 -6.70 3.26 -21.35
N LYS A 109 -5.75 2.88 -20.44
CA LYS A 109 -4.83 3.75 -19.71
C LYS A 109 -4.04 4.58 -20.72
N PHE A 110 -3.55 3.91 -21.79
CA PHE A 110 -2.80 4.55 -22.88
C PHE A 110 -3.58 5.65 -23.59
N GLU A 111 -4.84 5.34 -23.97
CA GLU A 111 -5.75 6.20 -24.68
C GLU A 111 -6.21 7.37 -23.82
N MET A 112 -6.54 7.11 -22.56
CA MET A 112 -6.97 8.16 -21.63
C MET A 112 -5.84 9.20 -21.44
N ILE A 113 -4.57 8.76 -21.48
CA ILE A 113 -3.47 9.69 -21.30
C ILE A 113 -3.32 10.62 -22.58
N LYS A 114 -3.52 10.10 -23.83
CA LYS A 114 -3.46 10.95 -25.06
C LYS A 114 -4.74 11.81 -25.35
N ALA A 119 -9.38 11.21 -15.58
CA ALA A 119 -10.22 11.72 -14.47
C ALA A 119 -11.80 11.43 -14.54
N PHE A 120 -12.39 11.10 -15.72
CA PHE A 120 -13.88 10.93 -15.81
C PHE A 120 -14.41 9.75 -15.05
N PHE A 121 -13.62 8.66 -14.98
CA PHE A 121 -14.00 7.38 -14.40
C PHE A 121 -14.22 7.41 -12.91
N TRP A 122 -13.71 8.43 -12.20
CA TRP A 122 -13.89 8.50 -10.75
C TRP A 122 -15.37 8.60 -10.37
N GLU A 123 -16.15 9.56 -10.95
CA GLU A 123 -17.58 9.70 -10.61
C GLU A 123 -18.39 8.52 -11.08
N GLU A 124 -18.04 7.97 -12.27
CA GLU A 124 -18.68 6.78 -12.85
C GLU A 124 -18.49 5.60 -11.94
N ARG A 125 -17.27 5.40 -11.38
CA ARG A 125 -16.98 4.33 -10.40
C ARG A 125 -17.83 4.53 -9.14
N ASP A 126 -17.87 5.75 -8.58
CA ASP A 126 -18.61 6.10 -7.38
C ASP A 126 -20.11 5.95 -7.50
N ILE A 127 -20.72 6.49 -8.58
CA ILE A 127 -22.16 6.43 -8.85
C ILE A 127 -22.57 4.95 -8.90
N MET A 128 -21.86 4.15 -9.70
CA MET A 128 -22.18 2.73 -9.86
C MET A 128 -21.94 1.89 -8.62
N ALA A 129 -20.88 2.18 -7.87
CA ALA A 129 -20.52 1.44 -6.66
C ALA A 129 -21.42 1.76 -5.48
N PHE A 130 -21.85 3.03 -5.34
CA PHE A 130 -22.55 3.54 -4.15
C PHE A 130 -24.00 4.05 -4.35
N ALA A 131 -24.53 4.09 -5.58
CA ALA A 131 -25.90 4.55 -5.84
C ALA A 131 -26.91 3.77 -5.02
N ASN A 132 -26.78 2.43 -5.00
CA ASN A 132 -27.69 1.52 -4.32
C ASN A 132 -29.12 1.88 -4.73
N SER A 133 -29.35 1.84 -6.04
CA SER A 133 -30.61 2.21 -6.70
C SER A 133 -30.97 1.17 -7.76
N PRO A 134 -32.25 0.75 -7.84
CA PRO A 134 -32.63 -0.20 -8.92
C PRO A 134 -32.56 0.42 -10.31
N TRP A 135 -32.39 1.75 -10.38
CA TRP A 135 -32.30 2.56 -11.61
C TRP A 135 -30.89 2.78 -12.11
N VAL A 136 -29.88 2.39 -11.32
CA VAL A 136 -28.46 2.57 -11.65
C VAL A 136 -27.74 1.22 -11.74
N VAL A 137 -27.12 0.94 -12.89
CA VAL A 137 -26.30 -0.24 -13.14
C VAL A 137 -25.28 -0.35 -12.00
N GLN A 138 -25.22 -1.52 -11.35
CA GLN A 138 -24.32 -1.69 -10.20
C GLN A 138 -22.89 -2.11 -10.54
N LEU A 139 -21.92 -1.55 -9.81
CA LEU A 139 -20.49 -1.89 -9.92
C LEU A 139 -20.16 -2.83 -8.74
N PHE A 140 -19.70 -4.06 -9.04
CA PHE A 140 -19.32 -5.03 -7.99
C PHE A 140 -17.85 -4.93 -7.68
N TYR A 141 -16.98 -4.93 -8.70
CA TYR A 141 -15.54 -4.83 -8.56
C TYR A 141 -14.98 -3.86 -9.56
N ALA A 142 -13.85 -3.26 -9.21
CA ALA A 142 -13.07 -2.39 -10.09
C ALA A 142 -11.67 -2.75 -9.78
N PHE A 143 -10.87 -3.01 -10.81
CA PHE A 143 -9.46 -3.36 -10.65
C PHE A 143 -8.71 -2.80 -11.83
N GLN A 144 -7.41 -3.13 -11.95
CA GLN A 144 -6.54 -2.61 -13.01
C GLN A 144 -5.24 -3.38 -13.16
N ASP A 145 -4.62 -3.21 -14.31
CA ASP A 145 -3.30 -3.70 -14.63
C ASP A 145 -2.54 -2.55 -15.29
N ASP A 146 -1.46 -2.84 -15.99
CA ASP A 146 -0.65 -1.80 -16.57
C ASP A 146 -1.25 -1.15 -17.84
N ARG A 147 -2.19 -1.87 -18.49
CA ARG A 147 -2.83 -1.53 -19.76
C ARG A 147 -4.25 -1.00 -19.64
N TYR A 148 -5.08 -1.51 -18.69
CA TYR A 148 -6.48 -1.09 -18.53
C TYR A 148 -6.97 -0.88 -17.09
N LEU A 149 -8.19 -0.35 -17.02
CA LEU A 149 -9.07 -0.15 -15.87
C LEU A 149 -10.21 -1.11 -16.17
N TYR A 150 -10.71 -1.84 -15.16
CA TYR A 150 -11.82 -2.77 -15.35
C TYR A 150 -12.91 -2.44 -14.40
N MET A 151 -14.14 -2.51 -14.87
CA MET A 151 -15.33 -2.24 -14.08
C MET A 151 -16.24 -3.43 -14.25
N VAL A 152 -16.37 -4.25 -13.20
CA VAL A 152 -17.16 -5.47 -13.19
C VAL A 152 -18.56 -5.12 -12.71
N MET A 153 -19.52 -5.04 -13.64
CA MET A 153 -20.89 -4.62 -13.37
C MET A 153 -21.93 -5.71 -13.56
N GLU A 154 -23.19 -5.43 -13.16
CA GLU A 154 -24.29 -6.38 -13.43
C GLU A 154 -24.54 -6.37 -14.94
N TYR A 155 -24.72 -7.55 -15.52
CA TYR A 155 -25.01 -7.72 -16.96
C TYR A 155 -26.49 -7.43 -17.15
N MET A 156 -26.80 -6.67 -18.21
CA MET A 156 -28.16 -6.24 -18.54
C MET A 156 -28.62 -7.03 -19.76
N PRO A 157 -29.17 -8.25 -19.56
CA PRO A 157 -29.49 -9.11 -20.71
C PRO A 157 -30.53 -8.61 -21.72
N GLY A 158 -31.41 -7.69 -21.30
CA GLY A 158 -32.45 -7.16 -22.17
C GLY A 158 -32.00 -6.20 -23.27
N GLY A 159 -30.71 -5.81 -23.25
CA GLY A 159 -30.14 -4.90 -24.24
C GLY A 159 -30.49 -3.47 -23.97
N ASP A 160 -30.25 -2.58 -24.94
CA ASP A 160 -30.57 -1.16 -24.79
C ASP A 160 -31.83 -0.73 -25.54
N LEU A 161 -32.17 0.58 -25.47
CA LEU A 161 -33.39 1.10 -26.13
C LEU A 161 -33.18 1.33 -27.64
N VAL A 162 -31.93 1.44 -28.09
CA VAL A 162 -31.63 1.56 -29.52
C VAL A 162 -32.07 0.26 -30.22
N ASN A 163 -31.72 -0.87 -29.60
CA ASN A 163 -32.05 -2.21 -30.09
C ASN A 163 -33.55 -2.42 -30.14
N LEU A 164 -34.28 -2.01 -29.06
CA LEU A 164 -35.72 -2.12 -28.97
C LEU A 164 -36.39 -1.34 -30.08
N MET A 165 -36.02 -0.05 -30.22
CA MET A 165 -36.57 0.91 -31.16
C MET A 165 -36.42 0.46 -32.60
N SER A 166 -35.35 -0.30 -32.87
CA SER A 166 -35.02 -0.80 -34.20
C SER A 166 -35.77 -2.08 -34.56
N ASN A 167 -36.34 -2.81 -33.57
CA ASN A 167 -37.10 -4.05 -33.75
C ASN A 167 -38.58 -3.89 -33.60
N TYR A 168 -39.06 -2.75 -33.06
CA TYR A 168 -40.48 -2.51 -32.85
C TYR A 168 -40.88 -1.12 -33.22
N ASP A 169 -42.13 -0.98 -33.70
CA ASP A 169 -42.74 0.32 -33.91
C ASP A 169 -43.36 0.58 -32.53
N VAL A 170 -42.65 1.29 -31.65
CA VAL A 170 -43.06 1.57 -30.28
C VAL A 170 -44.46 2.24 -30.15
N PRO A 171 -45.48 1.56 -29.56
CA PRO A 171 -46.78 2.23 -29.30
C PRO A 171 -46.62 3.21 -28.14
N GLU A 172 -47.55 4.19 -28.02
CA GLU A 172 -47.52 5.19 -26.94
C GLU A 172 -47.53 4.62 -25.54
N LYS A 173 -48.23 3.49 -25.32
CA LYS A 173 -48.28 2.86 -23.99
C LYS A 173 -46.89 2.37 -23.56
N TRP A 174 -46.07 1.89 -24.50
CA TRP A 174 -44.69 1.46 -24.18
C TRP A 174 -43.84 2.69 -23.96
N ALA A 175 -43.92 3.68 -24.88
CA ALA A 175 -43.19 4.94 -24.79
C ALA A 175 -43.43 5.62 -23.44
N ARG A 176 -44.69 5.65 -22.96
CA ARG A 176 -45.05 6.17 -21.65
C ARG A 176 -44.30 5.44 -20.55
N PHE A 177 -44.25 4.09 -20.60
CA PHE A 177 -43.56 3.27 -19.62
C PHE A 177 -42.08 3.61 -19.55
N TYR A 178 -41.37 3.52 -20.70
CA TYR A 178 -39.92 3.76 -20.80
C TYR A 178 -39.56 5.19 -20.43
N THR A 179 -40.42 6.18 -20.76
CA THR A 179 -40.15 7.58 -20.44
C THR A 179 -40.26 7.77 -18.92
N ALA A 180 -41.36 7.26 -18.33
CA ALA A 180 -41.61 7.28 -16.89
C ALA A 180 -40.43 6.68 -16.09
N GLU A 181 -39.87 5.55 -16.56
CA GLU A 181 -38.72 4.91 -15.92
C GLU A 181 -37.46 5.75 -16.03
N VAL A 182 -37.23 6.42 -17.19
CA VAL A 182 -36.09 7.32 -17.44
C VAL A 182 -36.18 8.51 -16.48
N VAL A 183 -37.40 9.08 -16.34
CA VAL A 183 -37.71 10.18 -15.45
C VAL A 183 -37.34 9.78 -14.02
N LEU A 184 -37.81 8.61 -13.52
CA LEU A 184 -37.48 8.15 -12.16
C LEU A 184 -35.97 7.89 -12.00
N ALA A 185 -35.34 7.31 -13.03
CA ALA A 185 -33.92 7.01 -13.05
C ALA A 185 -33.07 8.27 -12.97
N LEU A 186 -33.45 9.33 -13.72
CA LEU A 186 -32.72 10.60 -13.75
C LEU A 186 -32.89 11.35 -12.45
N ASP A 187 -34.10 11.32 -11.89
CA ASP A 187 -34.39 11.91 -10.60
C ASP A 187 -33.55 11.26 -9.50
N ALA A 188 -33.31 9.94 -9.58
CA ALA A 188 -32.44 9.22 -8.64
C ALA A 188 -30.99 9.76 -8.69
N ILE A 189 -30.43 9.96 -9.92
CA ILE A 189 -29.08 10.51 -10.15
C ILE A 189 -29.00 11.97 -9.64
N HIS A 190 -30.04 12.77 -9.96
CA HIS A 190 -30.16 14.18 -9.59
C HIS A 190 -30.14 14.31 -8.06
N SER A 191 -30.84 13.40 -7.35
CA SER A 191 -30.89 13.35 -5.88
C SER A 191 -29.55 12.98 -5.26
N MET A 192 -28.68 12.28 -6.02
CA MET A 192 -27.33 11.95 -5.58
C MET A 192 -26.39 13.15 -5.82
N GLY A 193 -26.90 14.19 -6.50
CA GLY A 193 -26.18 15.43 -6.79
C GLY A 193 -25.51 15.52 -8.14
N PHE A 194 -25.88 14.65 -9.11
CA PHE A 194 -25.26 14.67 -10.44
C PHE A 194 -26.22 14.96 -11.57
N ILE A 195 -25.67 15.56 -12.63
CA ILE A 195 -26.32 15.77 -13.92
C ILE A 195 -25.64 14.70 -14.82
N HIS A 196 -26.43 13.87 -15.54
CA HIS A 196 -25.92 12.81 -16.42
C HIS A 196 -25.19 13.38 -17.61
N ARG A 197 -25.83 14.36 -18.29
CA ARG A 197 -25.32 15.15 -19.43
C ARG A 197 -25.20 14.36 -20.76
N ASP A 198 -25.48 13.07 -20.73
CA ASP A 198 -25.45 12.27 -21.93
C ASP A 198 -26.62 11.27 -21.99
N VAL A 199 -27.84 11.74 -21.68
CA VAL A 199 -29.01 10.88 -21.70
C VAL A 199 -29.35 10.54 -23.17
N LYS A 200 -29.37 9.25 -23.49
CA LYS A 200 -29.67 8.75 -24.85
C LYS A 200 -30.10 7.31 -24.76
N PRO A 201 -30.86 6.78 -25.73
CA PRO A 201 -31.30 5.37 -25.65
C PRO A 201 -30.18 4.33 -25.53
N ASP A 202 -28.96 4.65 -26.00
CA ASP A 202 -27.77 3.79 -25.90
C ASP A 202 -27.40 3.53 -24.45
N ASN A 203 -27.73 4.49 -23.55
CA ASN A 203 -27.42 4.53 -22.13
C ASN A 203 -28.56 4.05 -21.26
N MET A 204 -29.64 3.57 -21.88
CA MET A 204 -30.83 3.05 -21.21
C MET A 204 -30.84 1.56 -21.47
N LEU A 205 -30.54 0.76 -20.42
CA LEU A 205 -30.44 -0.68 -20.52
C LEU A 205 -31.57 -1.37 -19.82
N LEU A 206 -31.94 -2.54 -20.31
CA LEU A 206 -33.03 -3.35 -19.77
C LEU A 206 -32.48 -4.62 -19.10
N ASP A 207 -32.97 -4.95 -17.91
CA ASP A 207 -32.56 -6.13 -17.15
C ASP A 207 -33.36 -7.38 -17.60
N LYS A 208 -33.26 -8.51 -16.88
CA LYS A 208 -33.95 -9.76 -17.24
C LYS A 208 -35.46 -9.66 -17.18
N SER A 209 -36.00 -8.64 -16.47
CA SER A 209 -37.46 -8.46 -16.34
C SER A 209 -38.06 -7.40 -17.30
N GLY A 210 -37.18 -6.67 -18.01
CA GLY A 210 -37.55 -5.64 -18.97
C GLY A 210 -37.57 -4.23 -18.41
N HIS A 211 -37.11 -4.06 -17.16
CA HIS A 211 -37.07 -2.75 -16.51
C HIS A 211 -35.75 -2.06 -16.75
N LEU A 212 -35.82 -0.73 -16.85
CA LEU A 212 -34.72 0.15 -17.19
C LEU A 212 -33.76 0.49 -16.06
N LYS A 213 -32.52 0.77 -16.43
CA LYS A 213 -31.39 1.19 -15.60
C LYS A 213 -30.53 2.07 -16.49
N LEU A 214 -30.03 3.19 -15.96
CA LEU A 214 -29.14 4.04 -16.73
C LEU A 214 -27.71 3.47 -16.61
N ALA A 215 -26.96 3.57 -17.68
CA ALA A 215 -25.59 3.14 -17.72
C ALA A 215 -24.74 4.30 -18.26
N ASP A 216 -23.41 4.07 -18.45
CA ASP A 216 -22.45 5.05 -18.97
C ASP A 216 -22.48 6.39 -18.25
N PHE A 217 -21.84 6.45 -17.06
CA PHE A 217 -21.79 7.66 -16.24
C PHE A 217 -20.50 8.50 -16.45
N GLY A 218 -19.78 8.25 -17.55
CA GLY A 218 -18.56 8.95 -17.91
C GLY A 218 -18.67 10.44 -18.16
N THR A 219 -19.92 10.96 -18.33
CA THR A 219 -20.20 12.38 -18.60
C THR A 219 -20.83 13.07 -17.39
N CYS A 220 -21.07 12.32 -16.31
CA CYS A 220 -21.62 12.83 -15.08
C CYS A 220 -20.78 13.86 -14.43
N MET A 221 -21.44 14.90 -13.97
CA MET A 221 -20.78 15.99 -13.26
C MET A 221 -21.57 16.33 -11.99
N LYS A 222 -20.86 16.54 -10.83
CA LYS A 222 -21.48 16.90 -9.55
C LYS A 222 -21.91 18.36 -9.55
N MET A 223 -23.19 18.59 -9.28
CA MET A 223 -23.84 19.90 -9.19
C MET A 223 -23.29 20.64 -7.99
N ASN A 224 -23.28 21.98 -8.06
CA ASN A 224 -22.85 22.83 -6.95
C ASN A 224 -24.02 23.04 -5.98
N LYS A 225 -23.81 23.86 -4.93
CA LYS A 225 -24.80 24.24 -3.90
C LYS A 225 -26.13 24.76 -4.51
N GLU A 226 -26.06 25.47 -5.68
CA GLU A 226 -27.19 26.05 -6.42
C GLU A 226 -27.83 25.04 -7.39
N GLY A 227 -27.21 23.86 -7.51
CA GLY A 227 -27.66 22.80 -8.40
C GLY A 227 -27.28 23.01 -9.85
N MET A 228 -26.16 23.71 -10.05
CA MET A 228 -25.59 24.06 -11.35
C MET A 228 -24.21 23.43 -11.55
N VAL A 229 -23.77 23.47 -12.79
CA VAL A 229 -22.50 22.94 -13.24
C VAL A 229 -21.88 24.03 -14.12
N ARG A 230 -20.60 24.35 -13.87
CA ARG A 230 -19.86 25.36 -14.63
C ARG A 230 -18.88 24.63 -15.57
N CYS A 231 -19.20 24.67 -16.89
CA CYS A 231 -18.42 23.98 -17.92
C CYS A 231 -18.18 24.85 -19.16
N ASP A 232 -16.96 24.81 -19.72
CA ASP A 232 -16.61 25.60 -20.91
C ASP A 232 -16.71 24.81 -22.22
N THR A 233 -16.59 23.48 -22.12
CA THR A 233 -16.62 22.59 -23.26
C THR A 233 -17.96 21.83 -23.29
N ALA A 234 -18.60 21.78 -24.50
CA ALA A 234 -19.85 21.07 -24.72
C ALA A 234 -19.59 19.59 -24.46
N VAL A 235 -20.61 18.86 -23.98
CA VAL A 235 -20.46 17.47 -23.59
C VAL A 235 -21.76 16.71 -23.92
N GLY A 236 -21.67 15.46 -24.39
CA GLY A 236 -22.85 14.66 -24.75
C GLY A 236 -22.82 14.04 -26.13
N THR A 237 -23.97 14.00 -26.83
CA THR A 237 -24.13 13.38 -28.17
C THR A 237 -24.81 14.39 -29.14
N PRO A 238 -24.37 14.50 -30.42
CA PRO A 238 -24.97 15.52 -31.31
C PRO A 238 -26.51 15.59 -31.34
N ASP A 239 -27.16 14.45 -31.41
CA ASP A 239 -28.61 14.41 -31.51
C ASP A 239 -29.38 14.73 -30.24
N TYR A 240 -28.88 14.39 -29.03
CA TYR A 240 -29.59 14.57 -27.76
C TYR A 240 -29.13 15.75 -26.93
N ILE A 241 -28.03 16.47 -27.36
CA ILE A 241 -27.45 17.64 -26.67
C ILE A 241 -28.45 18.82 -26.65
N SER A 242 -28.60 19.46 -25.47
CA SER A 242 -29.48 20.60 -25.28
C SER A 242 -28.84 21.88 -25.81
N PRO A 243 -29.61 22.94 -26.20
CA PRO A 243 -28.98 24.17 -26.70
C PRO A 243 -27.95 24.80 -25.78
N GLU A 244 -28.25 24.91 -24.48
CA GLU A 244 -27.33 25.51 -23.51
C GLU A 244 -26.01 24.70 -23.30
N VAL A 245 -26.06 23.37 -23.48
CA VAL A 245 -24.83 22.57 -23.32
C VAL A 245 -24.03 22.69 -24.61
N LEU A 246 -24.72 22.75 -25.76
CA LEU A 246 -24.08 22.89 -27.05
C LEU A 246 -23.31 24.17 -27.16
N LYS A 247 -23.92 25.30 -26.79
CA LYS A 247 -23.31 26.62 -26.87
C LYS A 247 -22.43 26.97 -25.60
N SER A 248 -22.42 26.10 -24.55
CA SER A 248 -21.61 26.30 -23.32
C SER A 248 -20.17 26.71 -23.65
N GLN A 249 -19.73 27.82 -23.04
CA GLN A 249 -18.41 28.45 -23.25
C GLN A 249 -17.76 28.98 -21.95
N GLY A 250 -16.82 29.92 -22.10
CA GLY A 250 -16.10 30.55 -20.99
C GLY A 250 -16.96 31.51 -20.19
N GLY A 251 -17.49 32.53 -20.88
CA GLY A 251 -18.38 33.55 -20.32
C GLY A 251 -19.68 32.96 -19.77
N ASP A 252 -20.41 32.23 -20.65
CA ASP A 252 -21.66 31.52 -20.34
C ASP A 252 -21.29 30.20 -19.60
N GLY A 253 -21.71 29.05 -20.17
CA GLY A 253 -21.42 27.70 -19.68
C GLY A 253 -21.70 27.37 -18.24
N TYR A 254 -22.91 27.65 -17.79
CA TYR A 254 -23.40 27.40 -16.43
C TYR A 254 -24.80 26.85 -16.64
N TYR A 255 -25.06 25.63 -16.21
CA TYR A 255 -26.36 24.99 -16.44
C TYR A 255 -26.68 23.94 -15.37
N GLY A 256 -27.97 23.60 -15.27
CA GLY A 256 -28.45 22.61 -14.30
C GLY A 256 -28.97 21.32 -14.89
N ARG A 257 -29.74 20.60 -14.05
CA ARG A 257 -30.34 19.30 -14.36
C ARG A 257 -31.33 19.34 -15.51
N GLU A 258 -31.86 20.53 -15.88
CA GLU A 258 -32.81 20.67 -17.00
C GLU A 258 -32.18 20.27 -18.39
N CYS A 259 -30.84 20.09 -18.48
CA CYS A 259 -30.21 19.63 -19.73
C CYS A 259 -30.55 18.15 -20.00
N ASP A 260 -30.70 17.35 -18.92
CA ASP A 260 -31.13 15.95 -18.99
C ASP A 260 -32.59 15.85 -19.38
N TRP A 261 -33.42 16.86 -19.06
CA TRP A 261 -34.84 16.83 -19.40
C TRP A 261 -35.08 17.07 -20.89
N TRP A 262 -34.23 17.90 -21.54
CA TRP A 262 -34.27 18.16 -22.98
C TRP A 262 -34.07 16.83 -23.72
N SER A 263 -33.06 16.04 -23.27
CA SER A 263 -32.71 14.73 -23.83
C SER A 263 -33.86 13.71 -23.73
N VAL A 264 -34.72 13.83 -22.70
CA VAL A 264 -35.88 12.94 -22.50
C VAL A 264 -36.89 13.26 -23.58
N GLY A 265 -37.00 14.54 -23.95
CA GLY A 265 -37.89 14.99 -25.01
C GLY A 265 -37.45 14.46 -26.35
N VAL A 266 -36.13 14.45 -26.60
CA VAL A 266 -35.54 13.92 -27.84
C VAL A 266 -35.84 12.42 -27.96
N PHE A 267 -35.68 11.71 -26.83
CA PHE A 267 -35.94 10.29 -26.66
C PHE A 267 -37.38 9.91 -26.97
N LEU A 268 -38.36 10.65 -26.38
CA LEU A 268 -39.78 10.43 -26.57
C LEU A 268 -40.11 10.63 -28.04
N TYR A 269 -39.61 11.72 -28.65
CA TYR A 269 -39.81 12.03 -30.05
C TYR A 269 -39.29 10.85 -30.89
N GLU A 270 -38.04 10.42 -30.64
CA GLU A 270 -37.43 9.31 -31.38
C GLU A 270 -38.28 8.04 -31.36
N MET A 271 -38.77 7.64 -30.17
CA MET A 271 -39.61 6.46 -29.98
C MET A 271 -40.91 6.50 -30.78
N LEU A 272 -41.63 7.65 -30.71
CA LEU A 272 -42.94 7.77 -31.38
C LEU A 272 -42.85 8.07 -32.90
N VAL A 273 -41.84 8.85 -33.32
CA VAL A 273 -41.66 9.29 -34.69
C VAL A 273 -40.72 8.42 -35.52
N GLY A 274 -39.79 7.71 -34.90
CA GLY A 274 -38.87 6.83 -35.63
C GLY A 274 -37.55 7.48 -36.00
N ASP A 275 -37.47 8.81 -35.86
CA ASP A 275 -36.28 9.60 -36.13
C ASP A 275 -36.08 10.61 -35.02
N THR A 276 -34.83 11.10 -34.85
CA THR A 276 -34.51 12.14 -33.85
C THR A 276 -35.06 13.49 -34.33
N PRO A 277 -35.52 14.40 -33.44
CA PRO A 277 -36.16 15.64 -33.93
C PRO A 277 -35.31 16.56 -34.75
N PHE A 278 -34.00 16.52 -34.56
CA PHE A 278 -33.11 17.42 -35.28
C PHE A 278 -32.16 16.68 -36.22
N TYR A 279 -32.59 15.54 -36.77
CA TYR A 279 -31.83 14.76 -37.75
C TYR A 279 -31.51 15.66 -38.96
N ALA A 280 -30.29 15.49 -39.47
CA ALA A 280 -29.80 16.16 -40.67
C ALA A 280 -28.84 15.21 -41.38
N ASP A 281 -28.63 15.45 -42.70
CA ASP A 281 -27.70 14.68 -43.54
C ASP A 281 -26.28 14.65 -42.97
N SER A 282 -25.85 15.75 -42.33
CA SER A 282 -24.54 15.92 -41.72
C SER A 282 -24.71 16.22 -40.23
N LEU A 283 -23.67 15.93 -39.47
CA LEU A 283 -23.64 16.19 -38.05
C LEU A 283 -23.78 17.71 -37.81
N VAL A 284 -23.02 18.53 -38.56
CA VAL A 284 -23.07 19.98 -38.39
C VAL A 284 -24.49 20.57 -38.62
N GLY A 285 -25.28 19.93 -39.49
CA GLY A 285 -26.67 20.28 -39.77
C GLY A 285 -27.57 20.05 -38.57
N THR A 286 -27.31 18.98 -37.78
CA THR A 286 -28.02 18.65 -36.53
C THR A 286 -27.77 19.77 -35.49
N TYR A 287 -26.52 20.25 -35.38
CA TYR A 287 -26.12 21.35 -34.47
C TYR A 287 -27.01 22.61 -34.81
N SER A 288 -27.04 22.97 -36.11
CA SER A 288 -27.86 24.08 -36.60
C SER A 288 -29.34 23.94 -36.22
N LYS A 289 -29.92 22.73 -36.41
CA LYS A 289 -31.33 22.47 -36.11
C LYS A 289 -31.63 22.53 -34.62
N ILE A 290 -30.66 22.14 -33.75
CA ILE A 290 -30.87 22.21 -32.31
C ILE A 290 -30.99 23.68 -31.92
N MET A 291 -30.00 24.48 -32.33
CA MET A 291 -29.96 25.92 -32.07
C MET A 291 -31.21 26.64 -32.57
N ASN A 292 -31.86 26.08 -33.62
CA ASN A 292 -33.06 26.65 -34.20
C ASN A 292 -34.27 25.75 -33.94
N HIS A 293 -34.33 25.17 -32.72
CA HIS A 293 -35.42 24.28 -32.34
C HIS A 293 -36.82 24.93 -32.46
N LYS A 294 -36.92 26.25 -32.20
CA LYS A 294 -38.17 27.01 -32.28
C LYS A 294 -38.86 26.85 -33.65
N ASN A 295 -38.07 26.75 -34.74
CA ASN A 295 -38.60 26.60 -36.11
C ASN A 295 -38.36 25.26 -36.74
N SER A 296 -37.33 24.53 -36.28
CA SER A 296 -36.98 23.21 -36.84
C SER A 296 -37.73 22.04 -36.21
N LEU A 297 -38.28 22.18 -34.99
CA LEU A 297 -39.04 21.08 -34.39
C LEU A 297 -40.43 21.00 -35.05
N THR A 298 -40.68 19.91 -35.78
CA THR A 298 -41.96 19.66 -36.45
C THR A 298 -42.36 18.18 -36.26
N PHE A 299 -43.65 17.89 -36.46
CA PHE A 299 -44.19 16.54 -36.37
C PHE A 299 -44.70 16.13 -37.75
N PRO A 300 -44.51 14.86 -38.17
CA PRO A 300 -45.02 14.46 -39.50
C PRO A 300 -46.56 14.45 -39.52
N ASP A 301 -47.20 14.73 -40.70
CA ASP A 301 -48.67 14.76 -40.80
C ASP A 301 -49.26 13.33 -40.83
N ASP A 302 -48.99 12.62 -39.72
CA ASP A 302 -49.34 11.27 -39.37
C ASP A 302 -50.01 11.33 -37.98
N ASN A 303 -51.34 11.14 -38.02
CA ASN A 303 -52.40 11.13 -37.00
C ASN A 303 -52.13 10.19 -35.79
N ASP A 304 -50.93 9.61 -35.70
CA ASP A 304 -50.60 8.65 -34.67
C ASP A 304 -50.26 9.28 -33.32
N ILE A 305 -49.45 10.37 -33.29
CA ILE A 305 -49.02 10.98 -32.03
C ILE A 305 -50.16 11.78 -31.39
N SER A 306 -50.46 11.47 -30.13
CA SER A 306 -51.49 12.09 -29.32
C SER A 306 -51.17 13.53 -28.97
N LYS A 307 -52.20 14.31 -28.63
CA LYS A 307 -52.11 15.71 -28.21
C LYS A 307 -51.13 15.81 -27.04
N GLU A 308 -51.27 14.92 -26.04
CA GLU A 308 -50.49 14.83 -24.79
C GLU A 308 -49.01 14.51 -24.98
N ALA A 309 -48.68 13.62 -25.96
CA ALA A 309 -47.29 13.24 -26.27
C ALA A 309 -46.60 14.41 -26.93
N LYS A 310 -47.28 15.07 -27.93
CA LYS A 310 -46.79 16.26 -28.63
C LYS A 310 -46.53 17.38 -27.63
N ASN A 311 -47.42 17.53 -26.62
CA ASN A 311 -47.26 18.55 -25.58
C ASN A 311 -46.02 18.31 -24.70
N LEU A 312 -45.76 17.04 -24.29
CA LEU A 312 -44.59 16.66 -23.47
C LEU A 312 -43.30 16.94 -24.26
N ILE A 313 -43.23 16.42 -25.50
CA ILE A 313 -42.07 16.61 -26.37
C ILE A 313 -41.78 18.12 -26.46
N CYS A 314 -42.83 18.95 -26.70
CA CYS A 314 -42.68 20.40 -26.81
C CYS A 314 -42.39 21.09 -25.49
N ALA A 315 -42.83 20.54 -24.35
CA ALA A 315 -42.56 21.12 -23.01
C ALA A 315 -41.09 20.94 -22.64
N PHE A 316 -40.47 19.85 -23.13
CA PHE A 316 -39.07 19.52 -22.92
C PHE A 316 -38.19 20.17 -23.97
N LEU A 317 -38.62 20.16 -25.24
CA LEU A 317 -37.85 20.71 -26.36
C LEU A 317 -38.06 22.22 -26.57
N THR A 318 -37.77 22.99 -25.53
CA THR A 318 -37.91 24.44 -25.44
C THR A 318 -36.65 25.03 -24.74
N ASP A 319 -36.55 26.37 -24.64
CA ASP A 319 -35.41 27.00 -23.97
C ASP A 319 -35.54 26.76 -22.46
N ARG A 320 -34.41 26.48 -21.79
CA ARG A 320 -34.27 26.11 -20.36
C ARG A 320 -35.22 26.87 -19.40
N GLU A 321 -35.32 28.19 -19.57
CA GLU A 321 -36.11 29.13 -18.78
C GLU A 321 -37.61 28.78 -18.74
N VAL A 322 -38.14 28.20 -19.82
CA VAL A 322 -39.55 27.79 -19.87
C VAL A 322 -39.70 26.25 -19.96
N ARG A 323 -38.60 25.50 -19.78
CA ARG A 323 -38.58 24.04 -19.89
C ARG A 323 -39.22 23.32 -18.73
N LEU A 324 -40.05 22.28 -19.05
CA LEU A 324 -40.69 21.42 -18.05
C LEU A 324 -39.59 20.77 -17.24
N GLY A 325 -39.67 20.91 -15.93
CA GLY A 325 -38.68 20.38 -15.01
C GLY A 325 -37.85 21.46 -14.35
N ARG A 326 -38.10 22.75 -14.69
CA ARG A 326 -37.42 23.92 -14.11
C ARG A 326 -37.82 24.03 -12.62
N ASN A 327 -39.05 23.58 -12.30
CA ASN A 327 -39.64 23.57 -10.96
C ASN A 327 -39.64 22.14 -10.34
N GLY A 328 -38.75 21.27 -10.81
CA GLY A 328 -38.61 19.91 -10.32
C GLY A 328 -39.36 18.85 -11.10
N VAL A 329 -39.21 17.56 -10.67
CA VAL A 329 -39.86 16.37 -11.25
C VAL A 329 -41.38 16.35 -11.15
N GLU A 330 -41.98 16.84 -10.04
CA GLU A 330 -43.41 16.75 -9.87
C GLU A 330 -44.20 17.38 -11.02
N GLU A 331 -43.69 18.46 -11.64
CA GLU A 331 -44.38 19.04 -12.78
C GLU A 331 -44.26 18.13 -14.03
N ILE A 332 -43.20 17.26 -14.12
CA ILE A 332 -43.06 16.28 -15.22
C ILE A 332 -44.06 15.13 -14.96
N LYS A 333 -43.98 14.57 -13.73
CA LYS A 333 -44.81 13.48 -13.23
C LYS A 333 -46.29 13.74 -13.41
N ARG A 334 -46.73 14.99 -13.18
CA ARG A 334 -48.14 15.41 -13.31
C ARG A 334 -48.55 15.67 -14.75
N HIS A 335 -47.66 15.47 -15.74
CA HIS A 335 -48.04 15.74 -17.13
C HIS A 335 -49.16 14.77 -17.58
N LEU A 336 -50.10 15.27 -18.40
CA LEU A 336 -51.22 14.48 -18.88
C LEU A 336 -50.83 13.27 -19.70
N PHE A 337 -49.62 13.31 -20.32
CA PHE A 337 -49.12 12.18 -21.10
C PHE A 337 -48.91 10.95 -20.20
N PHE A 338 -48.54 11.16 -18.94
CA PHE A 338 -48.34 10.04 -18.01
C PHE A 338 -49.63 9.53 -17.38
N LYS A 339 -50.78 10.22 -17.65
CA LYS A 339 -52.08 9.78 -17.10
C LYS A 339 -52.46 8.45 -17.73
N ASN A 340 -52.50 7.42 -16.86
CA ASN A 340 -52.84 6.04 -17.20
C ASN A 340 -53.46 5.29 -15.98
N ASP A 341 -54.14 4.17 -16.28
CA ASP A 341 -54.83 3.29 -15.33
C ASP A 341 -54.16 1.88 -15.23
N GLN A 342 -52.83 1.79 -15.53
CA GLN A 342 -52.01 0.56 -15.49
C GLN A 342 -50.91 0.60 -14.43
N TRP A 343 -50.36 1.80 -14.13
CA TRP A 343 -49.28 1.93 -13.14
C TRP A 343 -49.30 3.24 -12.37
N ALA A 344 -48.54 3.28 -11.28
CA ALA A 344 -48.36 4.44 -10.43
C ALA A 344 -46.86 4.70 -10.33
N TRP A 345 -46.45 5.95 -10.20
CA TRP A 345 -45.02 6.30 -10.14
C TRP A 345 -44.23 5.54 -9.08
N GLU A 346 -44.78 5.45 -7.87
CA GLU A 346 -44.19 4.81 -6.70
C GLU A 346 -44.01 3.29 -6.82
N THR A 347 -44.85 2.65 -7.63
CA THR A 347 -44.89 1.20 -7.81
C THR A 347 -44.38 0.70 -9.19
N LEU A 348 -44.12 1.62 -10.16
CA LEU A 348 -43.78 1.35 -11.56
C LEU A 348 -42.80 0.19 -11.80
N ARG A 349 -41.67 0.13 -11.07
CA ARG A 349 -40.68 -0.92 -11.30
C ARG A 349 -41.11 -2.34 -10.82
N ASP A 350 -42.30 -2.45 -10.23
CA ASP A 350 -42.84 -3.72 -9.79
C ASP A 350 -43.89 -4.23 -10.77
N THR A 351 -44.32 -3.36 -11.72
CA THR A 351 -45.28 -3.71 -12.75
C THR A 351 -44.60 -4.57 -13.83
N VAL A 352 -45.40 -5.23 -14.67
CA VAL A 352 -44.87 -6.06 -15.75
C VAL A 352 -44.54 -5.14 -16.95
N ALA A 353 -43.27 -5.19 -17.38
CA ALA A 353 -42.71 -4.38 -18.44
C ALA A 353 -43.39 -4.63 -19.81
N PRO A 354 -43.38 -3.65 -20.77
CA PRO A 354 -44.02 -3.89 -22.08
C PRO A 354 -43.44 -5.08 -22.84
N VAL A 355 -42.10 -5.28 -22.75
CA VAL A 355 -41.38 -6.38 -23.41
C VAL A 355 -40.63 -7.14 -22.31
N VAL A 356 -41.05 -8.38 -22.03
CA VAL A 356 -40.36 -9.18 -21.04
C VAL A 356 -39.33 -10.05 -21.76
N PRO A 357 -38.00 -9.91 -21.47
CA PRO A 357 -37.00 -10.72 -22.19
C PRO A 357 -37.20 -12.23 -22.08
N ASP A 358 -37.22 -12.94 -23.23
CA ASP A 358 -37.25 -14.39 -23.31
C ASP A 358 -35.78 -14.77 -23.50
N LEU A 359 -35.16 -15.26 -22.40
CA LEU A 359 -33.73 -15.59 -22.36
C LEU A 359 -33.50 -17.08 -22.14
N SER A 360 -32.55 -17.65 -22.92
CA SER A 360 -32.18 -19.06 -22.92
C SER A 360 -31.19 -19.47 -21.83
N SER A 361 -30.37 -18.53 -21.34
CA SER A 361 -29.35 -18.80 -20.32
C SER A 361 -28.89 -17.52 -19.66
N ASP A 362 -28.00 -17.65 -18.65
CA ASP A 362 -27.40 -16.52 -17.93
C ASP A 362 -26.41 -15.76 -18.83
N ILE A 363 -25.99 -16.38 -19.97
CA ILE A 363 -25.06 -15.75 -20.93
C ILE A 363 -25.71 -15.53 -22.31
N ASP A 364 -27.06 -15.36 -22.35
CA ASP A 364 -27.84 -15.11 -23.56
C ASP A 364 -27.52 -13.70 -24.07
N THR A 365 -27.00 -13.60 -25.32
CA THR A 365 -26.62 -12.33 -25.93
C THR A 365 -27.45 -11.94 -27.18
N SER A 366 -28.68 -12.49 -27.29
CA SER A 366 -29.61 -12.26 -28.41
C SER A 366 -29.95 -10.78 -28.69
N ASN A 367 -29.85 -9.93 -27.65
CA ASN A 367 -30.13 -8.51 -27.73
C ASN A 367 -28.85 -7.71 -27.96
N PHE A 368 -27.76 -8.39 -28.28
CA PHE A 368 -26.47 -7.75 -28.53
C PHE A 368 -25.87 -8.21 -29.85
N ASP A 369 -25.69 -7.28 -30.80
CA ASP A 369 -25.14 -7.59 -32.13
C ASP A 369 -23.71 -8.07 -32.06
N ASP A 370 -23.29 -8.84 -33.07
CA ASP A 370 -21.95 -9.43 -33.18
C ASP A 370 -20.83 -8.36 -33.25
N LEU A 371 -19.81 -8.45 -32.34
CA LEU A 371 -18.65 -7.53 -32.30
C LEU A 371 -17.30 -8.27 -32.27
N GLU A 379 -2.61 -1.21 -28.86
CA GLU A 379 -1.26 -0.74 -28.50
C GLU A 379 -1.23 -0.03 -27.13
N THR A 380 -0.02 0.33 -26.62
CA THR A 380 0.16 1.00 -25.33
C THR A 380 1.49 1.83 -25.24
N PHE A 381 1.71 2.45 -24.05
CA PHE A 381 2.82 3.33 -23.67
C PHE A 381 4.20 2.86 -24.11
N PRO A 382 5.07 3.80 -24.54
CA PRO A 382 6.45 3.41 -24.86
C PRO A 382 7.28 3.18 -23.58
N ILE A 383 8.47 2.58 -23.76
CA ILE A 383 9.41 2.29 -22.69
C ILE A 383 10.03 3.63 -22.25
N PRO A 384 9.82 4.02 -20.98
CA PRO A 384 10.35 5.31 -20.49
C PRO A 384 11.85 5.31 -20.30
N LYS A 385 12.48 6.42 -20.71
CA LYS A 385 13.91 6.62 -20.54
C LYS A 385 14.17 7.08 -19.10
N ALA A 386 13.23 7.87 -18.53
CA ALA A 386 13.21 8.39 -17.16
C ALA A 386 11.82 8.15 -16.53
N PHE A 387 11.70 8.28 -15.18
CA PHE A 387 10.41 8.09 -14.50
C PHE A 387 9.37 9.05 -15.07
N VAL A 388 8.25 8.47 -15.56
CA VAL A 388 7.10 9.16 -16.19
C VAL A 388 5.87 9.13 -15.28
N GLY A 389 5.66 8.00 -14.60
CA GLY A 389 4.56 7.81 -13.67
C GLY A 389 3.20 7.70 -14.34
N ASN A 390 3.12 6.96 -15.46
CA ASN A 390 1.88 6.74 -16.20
C ASN A 390 0.80 6.02 -15.41
N GLN A 391 1.15 5.30 -14.33
CA GLN A 391 0.15 4.59 -13.53
C GLN A 391 -0.40 5.43 -12.37
N LEU A 392 0.29 6.55 -12.02
CA LEU A 392 -0.11 7.45 -10.92
C LEU A 392 -1.54 8.02 -11.05
N PRO A 393 -2.05 8.48 -12.24
CA PRO A 393 -3.45 8.95 -12.31
C PRO A 393 -4.56 7.92 -12.07
N PHE A 394 -4.19 6.63 -11.87
CA PHE A 394 -5.14 5.55 -11.65
C PHE A 394 -5.03 4.87 -10.24
N VAL A 395 -4.18 5.43 -9.35
CA VAL A 395 -3.97 4.94 -7.99
C VAL A 395 -5.25 5.17 -7.17
N GLY A 396 -5.83 4.09 -6.65
CA GLY A 396 -7.07 4.15 -5.86
C GLY A 396 -8.35 3.79 -6.62
N PHE A 397 -8.19 3.37 -7.88
CA PHE A 397 -9.32 2.96 -8.73
C PHE A 397 -9.89 1.62 -8.27
N THR A 398 -9.03 0.74 -7.72
CA THR A 398 -9.44 -0.57 -7.23
C THR A 398 -10.51 -0.48 -6.17
N TYR A 399 -11.53 -1.31 -6.36
CA TYR A 399 -12.69 -1.54 -5.50
C TYR A 399 -12.74 -3.07 -5.37
N TYR A 400 -12.19 -3.62 -4.27
CA TYR A 400 -12.11 -5.07 -4.05
C TYR A 400 -11.87 -5.37 -2.59
N SER A 401 -10.71 -4.95 -2.07
CA SER A 401 -10.27 -5.17 -0.69
C SER A 401 -11.08 -4.40 0.33
N ASN A 402 -11.63 -3.22 -0.03
CA ASN A 402 -12.42 -2.37 0.90
C ASN A 402 -13.70 -1.95 0.25
N ARG A 403 -14.63 -2.88 0.05
CA ARG A 403 -15.93 -2.58 -0.57
C ARG A 403 -16.97 -2.29 0.49
N ARG A 404 -18.01 -1.55 0.12
CA ARG A 404 -19.12 -1.27 1.01
C ARG A 404 -20.07 -2.47 0.87
N TYR A 405 -20.42 -3.12 1.98
CA TYR A 405 -21.33 -4.29 1.95
C TYR A 405 -22.70 -3.95 2.47
N MET B 5 -7.18 -22.33 -5.62
CA MET B 5 -8.05 -22.18 -4.45
C MET B 5 -9.36 -21.50 -4.84
N SER B 6 -10.18 -21.16 -3.85
CA SER B 6 -11.47 -20.51 -4.06
C SER B 6 -11.28 -18.98 -4.14
N PHE B 7 -12.36 -18.25 -4.52
CA PHE B 7 -12.38 -16.78 -4.59
C PHE B 7 -12.21 -16.20 -3.17
N GLU B 8 -12.99 -16.74 -2.20
CA GLU B 8 -12.97 -16.33 -0.78
C GLU B 8 -11.61 -16.61 -0.13
N THR B 9 -10.97 -17.75 -0.46
CA THR B 9 -9.63 -18.11 0.07
C THR B 9 -8.63 -17.06 -0.37
N ARG B 10 -8.65 -16.69 -1.67
CA ARG B 10 -7.75 -15.68 -2.25
C ARG B 10 -8.01 -14.34 -1.58
N PHE B 11 -9.30 -13.95 -1.43
CA PHE B 11 -9.69 -12.71 -0.78
C PHE B 11 -9.14 -12.62 0.65
N GLU B 12 -9.32 -13.72 1.42
CA GLU B 12 -8.91 -13.85 2.82
C GLU B 12 -7.41 -13.91 2.99
N LYS B 13 -6.66 -14.60 2.09
CA LYS B 13 -5.19 -14.65 2.15
C LYS B 13 -4.63 -13.27 1.97
N MET B 14 -5.24 -12.47 1.05
CA MET B 14 -4.88 -11.08 0.79
C MET B 14 -5.17 -10.20 2.04
N ASP B 15 -6.30 -10.45 2.71
CA ASP B 15 -6.68 -9.72 3.91
C ASP B 15 -5.72 -10.00 5.06
N ASN B 16 -5.32 -11.27 5.28
CA ASN B 16 -4.40 -11.61 6.37
C ASN B 16 -3.01 -11.06 6.08
N LEU B 17 -2.63 -10.97 4.79
CA LEU B 17 -1.37 -10.38 4.34
C LEU B 17 -1.29 -8.92 4.77
N LEU B 18 -2.43 -8.24 4.83
CA LEU B 18 -2.52 -6.83 5.18
C LEU B 18 -2.41 -6.59 6.66
N ARG B 19 -2.59 -7.63 7.50
CA ARG B 19 -2.54 -7.55 8.97
C ARG B 19 -1.33 -8.21 9.58
N ASP B 20 -0.66 -9.04 8.81
CA ASP B 20 0.48 -9.83 9.26
C ASP B 20 1.70 -8.94 9.53
N PRO B 21 2.21 -8.91 10.80
CA PRO B 21 3.39 -8.08 11.10
C PRO B 21 4.69 -8.54 10.41
N LYS B 22 4.69 -9.80 9.94
CA LYS B 22 5.79 -10.43 9.21
C LYS B 22 5.67 -10.22 7.70
N SER B 23 4.52 -9.68 7.26
CA SER B 23 4.23 -9.41 5.85
C SER B 23 4.89 -8.15 5.28
N GLU B 24 5.37 -8.25 4.05
CA GLU B 24 5.99 -7.15 3.31
C GLU B 24 4.91 -6.19 2.76
N VAL B 25 3.64 -6.65 2.69
CA VAL B 25 2.51 -5.85 2.22
C VAL B 25 1.49 -5.51 3.31
N ASN B 26 1.85 -5.51 4.58
CA ASN B 26 0.85 -5.09 5.53
C ASN B 26 0.73 -3.53 5.53
N SER B 27 -0.32 -2.96 6.16
CA SER B 27 -0.62 -1.54 6.12
C SER B 27 0.54 -0.61 6.39
N ASP B 28 1.40 -0.88 7.40
CA ASP B 28 2.51 0.03 7.71
C ASP B 28 3.51 0.14 6.57
N CYS B 29 3.86 -0.99 5.93
CA CYS B 29 4.75 -1.07 4.77
C CYS B 29 4.10 -0.40 3.57
N LEU B 30 2.76 -0.56 3.39
CA LEU B 30 2.03 0.08 2.28
C LEU B 30 1.98 1.61 2.46
N LEU B 31 1.72 2.08 3.70
CA LEU B 31 1.76 3.51 4.02
C LEU B 31 3.18 4.05 3.80
N ASP B 32 4.25 3.26 4.13
CA ASP B 32 5.65 3.63 3.89
C ASP B 32 5.88 3.84 2.41
N GLY B 33 5.33 2.94 1.58
CA GLY B 33 5.42 2.99 0.12
C GLY B 33 4.86 4.27 -0.45
N LEU B 34 3.76 4.74 0.12
CA LEU B 34 3.08 5.96 -0.33
C LEU B 34 3.79 7.21 0.18
N ASP B 35 4.21 7.21 1.46
CA ASP B 35 4.95 8.29 2.11
C ASP B 35 6.29 8.53 1.36
N ALA B 36 6.96 7.45 0.93
CA ALA B 36 8.22 7.47 0.20
C ALA B 36 8.04 7.99 -1.20
N LEU B 37 6.92 7.63 -1.85
CA LEU B 37 6.61 8.10 -3.20
C LEU B 37 6.45 9.62 -3.19
N VAL B 38 5.67 10.15 -2.24
CA VAL B 38 5.38 11.57 -2.04
C VAL B 38 6.66 12.35 -1.64
N TYR B 39 7.57 11.78 -0.82
CA TYR B 39 8.83 12.46 -0.46
C TYR B 39 9.76 12.63 -1.69
N ASP B 40 9.93 11.53 -2.44
CA ASP B 40 10.76 11.42 -3.64
C ASP B 40 10.23 12.19 -4.85
N LEU B 41 8.91 12.45 -4.91
CA LEU B 41 8.30 13.14 -6.04
C LEU B 41 8.12 14.65 -5.84
N ASP B 42 7.98 15.14 -4.59
CA ASP B 42 7.72 16.56 -4.33
C ASP B 42 8.98 17.46 -4.48
N PHE B 43 9.35 17.73 -5.74
CA PHE B 43 10.45 18.60 -6.17
C PHE B 43 9.94 19.32 -7.41
N PRO B 44 10.26 20.62 -7.60
CA PRO B 44 9.69 21.36 -8.76
C PRO B 44 9.99 20.74 -10.13
N ALA B 45 11.23 20.24 -10.32
CA ALA B 45 11.73 19.59 -11.55
C ALA B 45 10.90 18.36 -11.98
N LEU B 46 10.41 17.56 -11.01
CA LEU B 46 9.59 16.38 -11.27
C LEU B 46 8.12 16.78 -11.42
N ARG B 47 7.71 17.84 -10.70
CA ARG B 47 6.34 18.38 -10.72
C ARG B 47 5.97 19.00 -12.08
N LYS B 48 6.96 19.13 -13.01
CA LYS B 48 6.73 19.61 -14.39
C LYS B 48 5.87 18.58 -15.12
N ASN B 49 6.04 17.29 -14.72
CA ASN B 49 5.30 16.13 -15.22
C ASN B 49 3.88 16.16 -14.62
N LYS B 50 2.83 16.27 -15.48
CA LYS B 50 1.43 16.33 -15.01
C LYS B 50 0.99 15.12 -14.21
N ASN B 51 1.49 13.90 -14.55
CA ASN B 51 1.17 12.68 -13.81
C ASN B 51 1.61 12.82 -12.36
N ILE B 52 2.86 13.31 -12.14
CA ILE B 52 3.47 13.56 -10.82
C ILE B 52 2.75 14.70 -10.08
N ASP B 53 2.51 15.86 -10.76
CA ASP B 53 1.85 17.05 -10.19
C ASP B 53 0.41 16.77 -9.77
N ASN B 54 -0.37 16.08 -10.62
CA ASN B 54 -1.77 15.72 -10.32
C ASN B 54 -1.84 14.70 -9.21
N PHE B 55 -0.86 13.78 -9.16
CA PHE B 55 -0.85 12.74 -8.14
C PHE B 55 -0.63 13.39 -6.78
N LEU B 56 0.45 14.21 -6.64
CA LEU B 56 0.80 14.92 -5.42
C LEU B 56 -0.33 15.82 -4.93
N SER B 57 -1.01 16.53 -5.85
CA SER B 57 -2.13 17.41 -5.50
C SER B 57 -3.29 16.63 -4.92
N ARG B 58 -3.62 15.46 -5.51
CA ARG B 58 -4.67 14.56 -5.06
C ARG B 58 -4.39 14.04 -3.64
N TYR B 59 -3.15 13.59 -3.39
CA TYR B 59 -2.74 13.01 -2.12
C TYR B 59 -2.17 14.00 -1.10
N LYS B 60 -2.21 15.32 -1.38
CA LYS B 60 -1.68 16.37 -0.51
C LYS B 60 -2.30 16.33 0.91
N ASP B 61 -3.63 16.50 1.01
CA ASP B 61 -4.40 16.54 2.25
C ASP B 61 -4.22 15.26 3.10
N THR B 62 -4.38 14.10 2.43
CA THR B 62 -4.28 12.76 2.98
C THR B 62 -2.88 12.53 3.59
N ILE B 63 -1.82 12.78 2.80
CA ILE B 63 -0.43 12.60 3.24
C ILE B 63 -0.10 13.44 4.47
N ASN B 64 -0.74 14.60 4.63
CA ASN B 64 -0.50 15.48 5.78
C ASN B 64 -1.14 14.89 7.04
N LYS B 65 -2.35 14.33 6.87
CA LYS B 65 -3.14 13.70 7.91
C LYS B 65 -2.41 12.46 8.45
N ILE B 66 -2.03 11.54 7.53
CA ILE B 66 -1.31 10.30 7.76
C ILE B 66 -0.01 10.59 8.51
N ARG B 67 0.75 11.62 8.04
CA ARG B 67 2.00 12.04 8.67
C ARG B 67 1.82 12.47 10.12
N ASP B 68 0.71 13.21 10.37
CA ASP B 68 0.32 13.71 11.67
C ASP B 68 -0.16 12.59 12.61
N LEU B 69 -0.96 11.65 12.09
CA LEU B 69 -1.50 10.57 12.90
C LEU B 69 -0.52 9.49 13.25
N ARG B 70 0.29 9.03 12.27
CA ARG B 70 1.28 7.96 12.51
C ARG B 70 2.35 8.39 13.52
N MET B 71 3.03 7.40 14.16
CA MET B 71 4.12 7.61 15.12
C MET B 71 5.19 8.45 14.47
N LYS B 72 5.71 9.41 15.24
CA LYS B 72 6.75 10.37 14.84
C LYS B 72 7.65 10.67 16.03
N ALA B 73 8.85 11.25 15.77
CA ALA B 73 9.84 11.60 16.79
C ALA B 73 9.31 12.58 17.86
N GLU B 74 8.45 13.54 17.49
CA GLU B 74 7.87 14.54 18.41
C GLU B 74 6.92 13.92 19.45
N ASP B 75 6.63 12.62 19.33
CA ASP B 75 5.82 11.88 20.31
C ASP B 75 6.68 11.52 21.53
N TYR B 76 8.03 11.58 21.37
CA TYR B 76 8.98 11.21 22.41
C TYR B 76 9.74 12.39 22.99
N GLU B 77 9.84 12.40 24.33
CA GLU B 77 10.60 13.35 25.14
C GLU B 77 12.00 12.70 25.36
N VAL B 78 13.07 13.29 24.83
CA VAL B 78 14.42 12.71 24.98
C VAL B 78 15.07 13.23 26.27
N VAL B 79 15.28 12.31 27.21
CA VAL B 79 15.85 12.52 28.54
C VAL B 79 17.36 12.72 28.48
N LYS B 80 18.10 11.82 27.78
CA LYS B 80 19.57 11.85 27.69
C LYS B 80 20.02 11.03 26.49
N VAL B 81 21.17 11.40 25.87
CA VAL B 81 21.79 10.62 24.79
C VAL B 81 22.73 9.66 25.53
N ILE B 82 22.41 8.36 25.50
CA ILE B 82 23.12 7.32 26.25
C ILE B 82 24.04 6.43 25.37
N GLY B 83 24.09 6.71 24.08
CA GLY B 83 24.90 5.93 23.14
C GLY B 83 25.09 6.63 21.83
N ARG B 84 26.18 6.28 21.15
CA ARG B 84 26.55 6.81 19.84
C ARG B 84 27.15 5.68 19.00
N GLY B 85 26.99 5.81 17.68
CA GLY B 85 27.45 4.84 16.69
C GLY B 85 27.69 5.55 15.37
N ALA B 86 28.12 4.78 14.36
CA ALA B 86 28.49 5.34 13.05
C ALA B 86 27.37 6.12 12.36
N PHE B 87 26.13 5.59 12.46
CA PHE B 87 24.99 6.18 11.75
C PHE B 87 23.97 6.86 12.65
N GLY B 88 24.31 7.12 13.91
CA GLY B 88 23.38 7.84 14.78
C GLY B 88 23.61 7.71 16.26
N GLU B 89 22.52 7.71 17.01
CA GLU B 89 22.59 7.67 18.47
C GLU B 89 21.46 6.88 19.12
N VAL B 90 21.67 6.49 20.36
CA VAL B 90 20.69 5.78 21.16
C VAL B 90 20.32 6.78 22.25
N GLN B 91 19.03 7.13 22.34
CA GLN B 91 18.62 8.11 23.35
C GLN B 91 17.59 7.55 24.29
N LEU B 92 17.72 7.87 25.58
CA LEU B 92 16.76 7.45 26.57
C LEU B 92 15.54 8.38 26.43
N VAL B 93 14.41 7.81 26.01
CA VAL B 93 13.17 8.55 25.77
C VAL B 93 12.04 8.13 26.68
N ARG B 94 11.05 9.02 26.80
CA ARG B 94 9.78 8.79 27.46
C ARG B 94 8.71 9.19 26.44
N HIS B 95 7.82 8.24 26.08
CA HIS B 95 6.69 8.47 25.16
C HIS B 95 5.74 9.45 25.87
N LYS B 96 5.62 10.69 25.36
CA LYS B 96 4.83 11.77 25.96
C LYS B 96 3.43 11.36 26.43
N SER B 97 2.64 10.66 25.58
CA SER B 97 1.27 10.22 25.89
C SER B 97 1.20 9.09 26.92
N THR B 98 1.80 7.92 26.62
CA THR B 98 1.75 6.73 27.46
C THR B 98 2.59 6.86 28.74
N ARG B 99 3.62 7.74 28.70
CA ARG B 99 4.59 8.06 29.76
C ARG B 99 5.60 6.92 30.00
N LYS B 100 5.61 5.91 29.09
CA LYS B 100 6.50 4.73 29.11
C LYS B 100 7.90 5.09 28.65
N VAL B 101 8.91 4.52 29.34
CA VAL B 101 10.36 4.75 29.12
C VAL B 101 10.99 3.71 28.17
N TYR B 102 11.70 4.20 27.15
CA TYR B 102 12.35 3.36 26.15
C TYR B 102 13.75 3.87 25.79
N ALA B 103 14.52 3.05 25.08
CA ALA B 103 15.79 3.44 24.48
C ALA B 103 15.45 3.50 22.99
N MET B 104 15.73 4.65 22.34
CA MET B 104 15.41 4.87 20.93
C MET B 104 16.67 5.07 20.09
N LYS B 105 16.93 4.13 19.14
CA LYS B 105 18.08 4.15 18.24
C LYS B 105 17.69 4.85 16.95
N LEU B 106 18.45 5.87 16.57
CA LEU B 106 18.28 6.66 15.36
C LEU B 106 19.35 6.26 14.33
N LEU B 107 18.96 6.02 13.07
CA LEU B 107 19.89 5.70 12.00
C LEU B 107 19.68 6.71 10.87
N SER B 108 20.68 7.57 10.61
CA SER B 108 20.68 8.62 9.57
C SER B 108 20.55 8.03 8.17
N LYS B 109 19.49 8.44 7.41
CA LYS B 109 19.28 7.97 6.03
C LYS B 109 20.32 8.59 5.12
N PHE B 110 20.72 9.87 5.40
CA PHE B 110 21.77 10.53 4.62
C PHE B 110 23.08 9.74 4.67
N GLU B 111 23.51 9.41 5.90
CA GLU B 111 24.72 8.65 6.12
C GLU B 111 24.65 7.27 5.46
N MET B 112 23.54 6.52 5.68
CA MET B 112 23.35 5.19 5.08
C MET B 112 23.36 5.21 3.52
N ILE B 113 23.05 6.34 2.87
CA ILE B 113 23.10 6.40 1.40
C ILE B 113 24.52 6.83 0.98
N LYS B 114 25.07 7.88 1.61
CA LYS B 114 26.42 8.40 1.40
C LYS B 114 27.43 7.24 1.40
N ARG B 115 27.46 6.48 2.53
CA ARG B 115 28.36 5.36 2.83
C ARG B 115 27.91 4.01 2.28
N SER B 116 26.84 4.00 1.45
CA SER B 116 26.14 2.78 0.98
C SER B 116 25.81 2.01 2.26
N ASP B 117 25.63 0.68 2.25
CA ASP B 117 25.30 -0.01 3.53
C ASP B 117 23.94 0.49 4.14
N SER B 118 22.86 0.38 3.35
CA SER B 118 21.52 0.78 3.76
C SER B 118 20.57 -0.41 3.75
N ALA B 119 21.03 -1.59 4.21
CA ALA B 119 20.26 -2.84 4.27
C ALA B 119 20.50 -3.68 5.54
N PHE B 120 21.41 -3.25 6.42
CA PHE B 120 21.75 -3.99 7.65
C PHE B 120 20.64 -4.05 8.69
N PHE B 121 19.83 -2.99 8.78
CA PHE B 121 18.78 -2.80 9.77
C PHE B 121 17.61 -3.78 9.66
N TRP B 122 17.44 -4.45 8.50
CA TRP B 122 16.34 -5.40 8.31
C TRP B 122 16.38 -6.55 9.29
N GLU B 123 17.53 -7.25 9.37
CA GLU B 123 17.71 -8.40 10.25
C GLU B 123 17.66 -7.98 11.70
N GLU B 124 18.18 -6.77 12.03
CA GLU B 124 18.18 -6.16 13.36
C GLU B 124 16.75 -5.85 13.80
N ARG B 125 15.92 -5.31 12.89
CA ARG B 125 14.53 -5.02 13.16
C ARG B 125 13.75 -6.32 13.45
N ASP B 126 13.92 -7.34 12.59
CA ASP B 126 13.23 -8.64 12.70
C ASP B 126 13.58 -9.39 13.96
N ILE B 127 14.89 -9.50 14.28
CA ILE B 127 15.39 -10.21 15.46
C ILE B 127 14.78 -9.60 16.70
N MET B 128 14.87 -8.27 16.81
CA MET B 128 14.37 -7.57 17.99
C MET B 128 12.84 -7.58 18.11
N ALA B 129 12.14 -7.46 16.97
CA ALA B 129 10.68 -7.44 16.94
C ALA B 129 10.05 -8.79 17.20
N PHE B 130 10.67 -9.88 16.70
CA PHE B 130 10.09 -11.23 16.72
C PHE B 130 10.83 -12.32 17.52
N ALA B 131 11.98 -12.02 18.13
CA ALA B 131 12.74 -13.01 18.90
C ALA B 131 11.89 -13.60 20.01
N ASN B 132 11.19 -12.73 20.76
CA ASN B 132 10.36 -13.12 21.91
C ASN B 132 11.20 -14.03 22.82
N SER B 133 12.34 -13.47 23.25
CA SER B 133 13.37 -14.14 24.03
C SER B 133 13.85 -13.23 25.15
N PRO B 134 14.04 -13.76 26.38
CA PRO B 134 14.57 -12.91 27.46
C PRO B 134 16.03 -12.52 27.23
N TRP B 135 16.69 -13.12 26.22
CA TRP B 135 18.08 -12.89 25.84
C TRP B 135 18.26 -11.86 24.75
N VAL B 136 17.16 -11.40 24.15
CA VAL B 136 17.20 -10.43 23.04
C VAL B 136 16.45 -9.15 23.40
N VAL B 137 17.14 -8.01 23.33
CA VAL B 137 16.57 -6.68 23.55
C VAL B 137 15.32 -6.56 22.66
N GLN B 138 14.19 -6.20 23.25
CA GLN B 138 12.92 -6.14 22.49
C GLN B 138 12.68 -4.83 21.74
N LEU B 139 12.10 -4.94 20.51
CA LEU B 139 11.71 -3.80 19.68
C LEU B 139 10.16 -3.66 19.82
N PHE B 140 9.66 -2.50 20.29
CA PHE B 140 8.22 -2.25 20.46
C PHE B 140 7.65 -1.49 19.25
N TYR B 141 8.42 -0.53 18.71
CA TYR B 141 8.01 0.26 17.57
C TYR B 141 9.21 0.57 16.72
N ALA B 142 8.98 0.70 15.41
CA ALA B 142 9.96 1.13 14.42
C ALA B 142 9.18 2.03 13.52
N PHE B 143 9.71 3.21 13.27
CA PHE B 143 9.07 4.18 12.41
C PHE B 143 10.17 4.96 11.70
N GLN B 144 9.80 5.99 10.94
CA GLN B 144 10.74 6.80 10.14
C GLN B 144 10.12 8.11 9.64
N ASP B 145 11.00 9.06 9.27
CA ASP B 145 10.72 10.35 8.61
C ASP B 145 11.72 10.46 7.44
N ASP B 146 11.62 11.48 6.55
CA ASP B 146 12.51 11.65 5.39
C ASP B 146 14.01 11.58 5.71
N ARG B 147 14.38 11.67 6.99
CA ARG B 147 15.77 11.70 7.39
C ARG B 147 16.26 10.54 8.26
N TYR B 148 15.38 9.97 9.08
CA TYR B 148 15.78 8.96 10.06
C TYR B 148 14.93 7.72 10.15
N LEU B 149 15.54 6.66 10.71
CA LEU B 149 14.93 5.39 11.07
C LEU B 149 14.96 5.42 12.59
N TYR B 150 13.89 4.99 13.24
CA TYR B 150 13.80 4.95 14.71
C TYR B 150 13.44 3.58 15.15
N MET B 151 14.09 3.11 16.21
CA MET B 151 13.85 1.81 16.80
C MET B 151 13.61 2.02 18.26
N VAL B 152 12.34 1.85 18.68
CA VAL B 152 11.90 2.06 20.07
C VAL B 152 12.01 0.73 20.80
N MET B 153 13.05 0.58 21.64
CA MET B 153 13.36 -0.66 22.34
C MET B 153 13.25 -0.59 23.86
N GLU B 154 13.34 -1.74 24.57
CA GLU B 154 13.37 -1.73 26.02
C GLU B 154 14.68 -1.13 26.47
N TYR B 155 14.63 -0.24 27.47
CA TYR B 155 15.79 0.42 28.05
C TYR B 155 16.48 -0.59 28.98
N MET B 156 17.82 -0.67 28.90
CA MET B 156 18.63 -1.59 29.69
C MET B 156 19.38 -0.79 30.74
N PRO B 157 18.75 -0.55 31.91
CA PRO B 157 19.38 0.34 32.91
C PRO B 157 20.71 -0.08 33.50
N GLY B 158 21.04 -1.37 33.47
CA GLY B 158 22.29 -1.88 34.04
C GLY B 158 23.58 -1.58 33.29
N GLY B 159 23.47 -1.02 32.09
CA GLY B 159 24.62 -0.68 31.27
C GLY B 159 25.16 -1.88 30.54
N ASP B 160 26.37 -1.78 29.96
CA ASP B 160 27.00 -2.89 29.22
C ASP B 160 28.14 -3.58 29.99
N LEU B 161 28.78 -4.60 29.35
CA LEU B 161 29.88 -5.35 29.98
C LEU B 161 31.21 -4.59 29.94
N VAL B 162 31.35 -3.63 29.03
CA VAL B 162 32.55 -2.78 28.98
C VAL B 162 32.60 -1.97 30.31
N ASN B 163 31.46 -1.39 30.71
CA ASN B 163 31.33 -0.60 31.93
C ASN B 163 31.65 -1.45 33.16
N LEU B 164 31.10 -2.70 33.22
CA LEU B 164 31.33 -3.62 34.33
C LEU B 164 32.81 -3.98 34.44
N MET B 165 33.42 -4.38 33.32
CA MET B 165 34.80 -4.81 33.23
C MET B 165 35.78 -3.76 33.65
N SER B 166 35.40 -2.48 33.48
CA SER B 166 36.20 -1.31 33.81
C SER B 166 36.10 -0.91 35.30
N ASN B 167 35.05 -1.38 36.00
CA ASN B 167 34.82 -1.11 37.43
C ASN B 167 35.17 -2.27 38.35
N TYR B 168 35.38 -3.47 37.80
CA TYR B 168 35.72 -4.64 38.61
C TYR B 168 36.79 -5.48 37.94
N ASP B 169 37.68 -6.08 38.75
CA ASP B 169 38.60 -7.09 38.25
C ASP B 169 37.71 -8.37 38.41
N VAL B 170 37.03 -8.76 37.33
CA VAL B 170 36.03 -9.84 37.28
C VAL B 170 36.54 -11.17 37.85
N PRO B 171 35.94 -11.68 38.96
CA PRO B 171 36.34 -13.02 39.44
C PRO B 171 35.80 -14.10 38.51
N GLU B 172 36.38 -15.33 38.53
CA GLU B 172 35.94 -16.42 37.65
C GLU B 172 34.49 -16.78 37.79
N LYS B 173 33.92 -16.69 39.02
CA LYS B 173 32.51 -17.03 39.26
C LYS B 173 31.58 -16.08 38.50
N TRP B 174 31.96 -14.81 38.36
CA TRP B 174 31.17 -13.84 37.58
C TRP B 174 31.36 -14.11 36.11
N ALA B 175 32.61 -14.28 35.68
CA ALA B 175 32.97 -14.60 34.29
C ALA B 175 32.21 -15.82 33.80
N ARG B 176 32.11 -16.89 34.63
CA ARG B 176 31.33 -18.09 34.33
C ARG B 176 29.87 -17.74 34.09
N PHE B 177 29.25 -16.90 34.97
CA PHE B 177 27.87 -16.46 34.84
C PHE B 177 27.63 -15.74 33.52
N TYR B 178 28.41 -14.65 33.24
CA TYR B 178 28.25 -13.83 32.03
C TYR B 178 28.53 -14.59 30.77
N THR B 179 29.48 -15.56 30.79
CA THR B 179 29.81 -16.38 29.61
C THR B 179 28.64 -17.33 29.33
N ALA B 180 28.15 -18.02 30.39
CA ALA B 180 27.00 -18.92 30.33
C ALA B 180 25.75 -18.21 29.73
N GLU B 181 25.49 -16.94 30.14
CA GLU B 181 24.37 -16.15 29.63
C GLU B 181 24.57 -15.78 28.16
N VAL B 182 25.80 -15.45 27.74
CA VAL B 182 26.18 -15.13 26.36
C VAL B 182 25.95 -16.36 25.47
N VAL B 183 26.40 -17.53 25.97
CA VAL B 183 26.22 -18.81 25.31
C VAL B 183 24.73 -19.07 25.08
N LEU B 184 23.88 -18.96 26.11
CA LEU B 184 22.43 -19.16 25.95
C LEU B 184 21.81 -18.12 24.99
N ALA B 185 22.28 -16.85 25.09
CA ALA B 185 21.80 -15.76 24.26
C ALA B 185 22.12 -15.98 22.79
N LEU B 186 23.35 -16.47 22.49
CA LEU B 186 23.80 -16.74 21.11
C LEU B 186 23.10 -17.92 20.52
N ASP B 187 22.87 -18.95 21.34
CA ASP B 187 22.13 -20.14 20.94
C ASP B 187 20.71 -19.77 20.56
N ALA B 188 20.09 -18.79 21.27
CA ALA B 188 18.75 -18.28 20.96
C ALA B 188 18.72 -17.67 19.54
N ILE B 189 19.71 -16.82 19.20
CA ILE B 189 19.86 -16.15 17.89
C ILE B 189 20.11 -17.21 16.78
N HIS B 190 21.00 -18.18 17.06
CA HIS B 190 21.37 -19.26 16.17
C HIS B 190 20.13 -20.08 15.80
N SER B 191 19.27 -20.37 16.80
CA SER B 191 18.01 -21.10 16.62
C SER B 191 17.00 -20.35 15.75
N MET B 192 17.12 -19.02 15.69
CA MET B 192 16.27 -18.18 14.85
C MET B 192 16.83 -18.14 13.42
N GLY B 193 18.02 -18.72 13.23
CA GLY B 193 18.67 -18.81 11.93
C GLY B 193 19.72 -17.76 11.62
N PHE B 194 20.22 -17.02 12.65
CA PHE B 194 21.23 -15.98 12.42
C PHE B 194 22.53 -16.20 13.10
N ILE B 195 23.60 -15.65 12.48
CA ILE B 195 24.94 -15.55 13.04
C ILE B 195 25.09 -14.05 13.39
N HIS B 196 25.50 -13.72 14.64
CA HIS B 196 25.66 -12.32 15.11
C HIS B 196 26.83 -11.61 14.40
N ARG B 197 28.00 -12.31 14.34
CA ARG B 197 29.28 -11.95 13.72
C ARG B 197 30.08 -10.83 14.46
N ASP B 198 29.42 -10.08 15.38
CA ASP B 198 30.05 -8.99 16.13
C ASP B 198 29.81 -9.10 17.64
N VAL B 199 30.00 -10.29 18.19
CA VAL B 199 29.82 -10.52 19.64
C VAL B 199 30.95 -9.80 20.37
N LYS B 200 30.61 -8.87 21.26
CA LYS B 200 31.59 -8.08 22.03
C LYS B 200 30.94 -7.54 23.26
N PRO B 201 31.69 -7.22 24.33
CA PRO B 201 31.04 -6.73 25.56
C PRO B 201 30.17 -5.47 25.41
N ASP B 202 30.42 -4.65 24.39
CA ASP B 202 29.66 -3.44 24.06
C ASP B 202 28.21 -3.78 23.71
N ASN B 203 28.00 -5.00 23.19
CA ASN B 203 26.76 -5.58 22.70
C ASN B 203 26.04 -6.45 23.72
N MET B 204 26.59 -6.54 24.92
CA MET B 204 26.06 -7.32 26.02
C MET B 204 25.55 -6.32 27.04
N LEU B 205 24.21 -6.21 27.17
CA LEU B 205 23.59 -5.24 28.07
C LEU B 205 22.95 -5.93 29.24
N LEU B 206 22.89 -5.23 30.36
CA LEU B 206 22.30 -5.72 31.59
C LEU B 206 21.00 -4.98 31.92
N ASP B 207 19.95 -5.73 32.26
CA ASP B 207 18.64 -5.20 32.60
C ASP B 207 18.59 -4.75 34.07
N LYS B 208 17.40 -4.39 34.62
CA LYS B 208 17.27 -3.94 36.01
C LYS B 208 17.68 -4.97 37.05
N SER B 209 17.72 -6.27 36.68
CA SER B 209 18.07 -7.36 37.58
C SER B 209 19.52 -7.85 37.45
N GLY B 210 20.25 -7.34 36.46
CA GLY B 210 21.64 -7.71 36.24
C GLY B 210 21.85 -8.84 35.23
N HIS B 211 20.78 -9.29 34.59
CA HIS B 211 20.84 -10.36 33.59
C HIS B 211 21.05 -9.79 32.22
N LEU B 212 21.77 -10.54 31.41
CA LEU B 212 22.23 -10.19 30.08
C LEU B 212 21.19 -10.34 28.99
N LYS B 213 21.33 -9.49 27.97
CA LYS B 213 20.56 -9.45 26.75
C LYS B 213 21.51 -8.95 25.68
N LEU B 214 21.48 -9.56 24.48
CA LEU B 214 22.34 -9.11 23.41
C LEU B 214 21.63 -7.95 22.71
N ALA B 215 22.42 -6.97 22.28
CA ALA B 215 21.93 -5.80 21.55
C ALA B 215 22.78 -5.66 20.31
N ASP B 216 22.54 -4.60 19.52
CA ASP B 216 23.23 -4.27 18.26
C ASP B 216 23.31 -5.46 17.29
N PHE B 217 22.24 -5.70 16.57
CA PHE B 217 22.15 -6.79 15.60
C PHE B 217 22.47 -6.34 14.16
N GLY B 218 23.12 -5.19 14.01
CA GLY B 218 23.52 -4.60 12.75
C GLY B 218 24.50 -5.40 11.89
N THR B 219 25.11 -6.47 12.42
CA THR B 219 26.05 -7.32 11.66
C THR B 219 25.48 -8.70 11.41
N CYS B 220 24.27 -8.95 11.91
CA CYS B 220 23.56 -10.21 11.76
C CYS B 220 23.26 -10.56 10.34
N MET B 221 23.39 -11.84 10.01
CA MET B 221 23.11 -12.38 8.68
C MET B 221 22.35 -13.69 8.88
N LYS B 222 21.38 -13.97 7.99
CA LYS B 222 20.61 -15.21 8.03
C LYS B 222 21.41 -16.34 7.37
N MET B 223 21.57 -17.46 8.10
CA MET B 223 22.26 -18.68 7.67
C MET B 223 21.48 -19.32 6.54
N ASN B 224 22.17 -20.02 5.63
CA ASN B 224 21.55 -20.73 4.53
C ASN B 224 21.13 -22.13 5.02
N LYS B 225 20.67 -22.98 4.08
CA LYS B 225 20.22 -24.37 4.28
C LYS B 225 21.24 -25.20 5.12
N GLU B 226 22.57 -25.07 4.82
CA GLU B 226 23.69 -25.76 5.49
C GLU B 226 24.20 -25.02 6.74
N GLY B 227 23.49 -23.98 7.18
CA GLY B 227 23.86 -23.18 8.34
C GLY B 227 25.08 -22.29 8.13
N MET B 228 25.35 -21.91 6.88
CA MET B 228 26.48 -21.09 6.48
C MET B 228 26.04 -19.70 5.99
N VAL B 229 27.00 -18.76 5.96
CA VAL B 229 26.83 -17.37 5.53
C VAL B 229 28.07 -16.90 4.79
N ARG B 230 27.90 -16.02 3.79
CA ARG B 230 29.00 -15.53 2.96
C ARG B 230 28.96 -14.01 2.85
N CYS B 231 30.10 -13.36 3.08
CA CYS B 231 30.17 -11.90 3.04
C CYS B 231 31.49 -11.37 2.46
N ASP B 232 31.47 -10.07 2.10
CA ASP B 232 32.60 -9.34 1.51
C ASP B 232 32.88 -8.02 2.24
N THR B 233 31.91 -7.55 3.07
CA THR B 233 31.91 -6.28 3.83
C THR B 233 33.13 -6.03 4.73
N ALA B 234 33.40 -4.72 5.01
CA ALA B 234 34.47 -4.21 5.87
C ALA B 234 34.22 -4.61 7.33
N VAL B 235 35.31 -4.86 8.07
CA VAL B 235 35.27 -5.34 9.46
C VAL B 235 35.74 -4.27 10.47
N GLY B 236 34.78 -3.45 10.88
CA GLY B 236 34.96 -2.35 11.82
C GLY B 236 35.41 -2.78 13.20
N THR B 237 36.76 -2.71 13.44
CA THR B 237 37.51 -3.04 14.67
C THR B 237 37.58 -4.54 14.84
N PRO B 238 38.78 -5.14 14.68
CA PRO B 238 38.86 -6.60 14.69
C PRO B 238 39.11 -7.32 15.98
N ASP B 239 39.07 -6.66 17.18
CA ASP B 239 39.48 -7.38 18.39
C ASP B 239 38.77 -8.72 18.62
N TYR B 240 37.47 -8.82 18.30
CA TYR B 240 36.68 -10.02 18.55
C TYR B 240 36.37 -10.87 17.31
N ILE B 241 36.69 -10.39 16.13
CA ILE B 241 36.41 -11.10 14.90
C ILE B 241 37.30 -12.34 14.71
N SER B 242 36.69 -13.47 14.34
CA SER B 242 37.33 -14.78 14.11
C SER B 242 38.21 -14.82 12.86
N PRO B 243 39.23 -15.73 12.78
CA PRO B 243 40.03 -15.81 11.55
C PRO B 243 39.23 -15.98 10.25
N GLU B 244 38.10 -16.73 10.24
CA GLU B 244 37.24 -16.96 9.04
C GLU B 244 36.59 -15.72 8.53
N VAL B 245 36.03 -14.88 9.43
CA VAL B 245 35.33 -13.67 9.03
C VAL B 245 36.34 -12.71 8.40
N LEU B 246 37.59 -12.70 8.91
CA LEU B 246 38.70 -11.88 8.38
C LEU B 246 39.22 -12.45 7.10
N LYS B 247 39.28 -13.80 6.95
CA LYS B 247 39.75 -14.42 5.70
C LYS B 247 38.74 -14.14 4.59
N SER B 248 37.44 -14.06 4.96
CA SER B 248 36.31 -13.77 4.07
C SER B 248 36.25 -12.26 3.77
N GLN B 249 37.22 -11.75 3.00
CA GLN B 249 37.30 -10.34 2.61
C GLN B 249 37.13 -10.25 1.11
N GLY B 250 35.92 -9.95 0.68
CA GLY B 250 35.62 -9.81 -0.74
C GLY B 250 35.06 -11.06 -1.40
N GLY B 251 34.14 -11.73 -0.73
CA GLY B 251 33.48 -12.93 -1.24
C GLY B 251 34.38 -14.15 -1.36
N ASP B 252 35.29 -14.32 -0.37
CA ASP B 252 36.26 -15.42 -0.33
C ASP B 252 35.67 -16.76 0.16
N GLY B 253 35.20 -16.80 1.42
CA GLY B 253 34.64 -18.01 2.01
C GLY B 253 33.32 -17.93 2.72
N TYR B 254 32.66 -19.09 2.84
CA TYR B 254 31.41 -19.28 3.56
C TYR B 254 31.82 -19.79 4.94
N TYR B 255 31.19 -19.25 6.00
CA TYR B 255 31.40 -19.63 7.42
C TYR B 255 30.05 -19.79 8.16
N GLY B 256 30.08 -20.51 9.28
CA GLY B 256 28.92 -20.76 10.11
C GLY B 256 28.91 -20.07 11.46
N ARG B 257 28.04 -20.55 12.37
CA ARG B 257 27.82 -20.03 13.72
C ARG B 257 29.04 -20.12 14.62
N GLU B 258 30.03 -20.98 14.29
CA GLU B 258 31.26 -21.11 15.09
C GLU B 258 32.09 -19.79 15.14
N CYS B 259 31.78 -18.77 14.30
CA CYS B 259 32.50 -17.49 14.36
C CYS B 259 32.10 -16.70 15.62
N ASP B 260 30.86 -16.87 16.08
CA ASP B 260 30.36 -16.27 17.32
C ASP B 260 30.97 -16.95 18.53
N TRP B 261 31.37 -18.23 18.42
CA TRP B 261 31.98 -18.94 19.55
C TRP B 261 33.40 -18.48 19.81
N TRP B 262 34.13 -18.09 18.74
CA TRP B 262 35.49 -17.55 18.84
C TRP B 262 35.44 -16.27 19.70
N SER B 263 34.45 -15.40 19.41
CA SER B 263 34.23 -14.12 20.10
C SER B 263 33.95 -14.31 21.60
N VAL B 264 33.32 -15.44 21.99
CA VAL B 264 33.04 -15.77 23.39
C VAL B 264 34.36 -16.07 24.09
N GLY B 265 35.29 -16.70 23.38
CA GLY B 265 36.62 -16.99 23.89
C GLY B 265 37.41 -15.71 24.12
N VAL B 266 37.30 -14.73 23.19
CA VAL B 266 37.96 -13.41 23.30
C VAL B 266 37.43 -12.68 24.53
N PHE B 267 36.10 -12.74 24.73
CA PHE B 267 35.35 -12.13 25.82
C PHE B 267 35.77 -12.69 27.16
N LEU B 268 35.85 -14.04 27.30
CA LEU B 268 36.27 -14.73 28.53
C LEU B 268 37.70 -14.32 28.85
N TYR B 269 38.62 -14.34 27.85
CA TYR B 269 40.01 -13.92 28.02
C TYR B 269 40.02 -12.47 28.53
N GLU B 270 39.28 -11.54 27.87
CA GLU B 270 39.22 -10.14 28.28
C GLU B 270 38.82 -9.97 29.74
N MET B 271 37.75 -10.64 30.17
CA MET B 271 37.25 -10.58 31.53
C MET B 271 38.27 -11.04 32.57
N LEU B 272 38.95 -12.19 32.34
CA LEU B 272 39.90 -12.74 33.32
C LEU B 272 41.30 -12.11 33.26
N VAL B 273 41.76 -11.70 32.08
CA VAL B 273 43.09 -11.15 31.87
C VAL B 273 43.14 -9.60 31.90
N GLY B 274 42.05 -8.91 31.62
CA GLY B 274 41.99 -7.46 31.64
C GLY B 274 42.23 -6.81 30.28
N ASP B 275 42.75 -7.60 29.31
CA ASP B 275 43.06 -7.15 27.96
C ASP B 275 42.56 -8.17 26.97
N THR B 276 42.35 -7.75 25.71
CA THR B 276 41.91 -8.65 24.64
C THR B 276 43.12 -9.49 24.20
N PRO B 277 42.93 -10.77 23.79
CA PRO B 277 44.09 -11.64 23.51
C PRO B 277 44.98 -11.17 22.39
N PHE B 278 44.44 -10.43 21.40
CA PHE B 278 45.19 -10.00 20.22
C PHE B 278 45.31 -8.49 20.05
N TYR B 279 45.28 -7.76 21.16
CA TYR B 279 45.42 -6.31 21.11
C TYR B 279 46.77 -5.89 20.50
N ALA B 280 46.76 -4.83 19.69
CA ALA B 280 47.91 -4.18 19.06
C ALA B 280 47.64 -2.69 18.92
N ASP B 281 48.69 -1.87 18.85
CA ASP B 281 48.60 -0.42 18.66
C ASP B 281 47.79 0.01 17.44
N SER B 282 47.85 -0.78 16.37
CA SER B 282 47.17 -0.54 15.12
C SER B 282 46.18 -1.65 14.81
N LEU B 283 45.18 -1.33 14.00
CA LEU B 283 44.16 -2.26 13.53
C LEU B 283 44.83 -3.38 12.78
N VAL B 284 45.72 -3.06 11.83
CA VAL B 284 46.43 -4.06 11.03
C VAL B 284 47.25 -5.04 11.89
N GLY B 285 47.79 -4.59 13.04
CA GLY B 285 48.54 -5.41 14.00
C GLY B 285 47.68 -6.44 14.68
N THR B 286 46.41 -6.08 15.00
CA THR B 286 45.42 -6.97 15.63
C THR B 286 45.04 -8.06 14.63
N TYR B 287 44.83 -7.70 13.34
CA TYR B 287 44.51 -8.63 12.26
C TYR B 287 45.65 -9.67 12.20
N SER B 288 46.93 -9.23 12.14
CA SER B 288 48.10 -10.11 12.13
C SER B 288 48.10 -11.10 13.30
N LYS B 289 47.83 -10.63 14.54
CA LYS B 289 47.82 -11.47 15.72
C LYS B 289 46.67 -12.48 15.70
N ILE B 290 45.51 -12.12 15.12
CA ILE B 290 44.38 -13.04 15.04
C ILE B 290 44.76 -14.18 14.11
N MET B 291 45.23 -13.85 12.89
CA MET B 291 45.66 -14.81 11.90
C MET B 291 46.77 -15.71 12.41
N ASN B 292 47.54 -15.25 13.40
CA ASN B 292 48.63 -16.01 14.01
C ASN B 292 48.30 -16.36 15.46
N HIS B 293 47.01 -16.69 15.71
CA HIS B 293 46.55 -17.07 17.06
C HIS B 293 47.33 -18.25 17.66
N LYS B 294 47.77 -19.22 16.83
CA LYS B 294 48.51 -20.40 17.27
C LYS B 294 49.77 -20.03 18.07
N ASN B 295 50.43 -18.90 17.73
CA ASN B 295 51.66 -18.43 18.39
C ASN B 295 51.49 -17.16 19.19
N SER B 296 50.49 -16.34 18.84
CA SER B 296 50.25 -15.06 19.52
C SER B 296 49.38 -15.17 20.79
N LEU B 297 48.55 -16.23 20.92
CA LEU B 297 47.72 -16.39 22.12
C LEU B 297 48.59 -16.88 23.26
N THR B 298 48.75 -16.05 24.30
CA THR B 298 49.51 -16.40 25.50
C THR B 298 48.75 -15.94 26.74
N PHE B 299 49.10 -16.52 27.90
CA PHE B 299 48.50 -16.16 29.18
C PHE B 299 49.58 -15.61 30.07
N PRO B 300 49.29 -14.60 30.93
CA PRO B 300 50.32 -14.09 31.86
C PRO B 300 50.75 -15.15 32.89
N ASP B 301 52.06 -15.19 33.28
CA ASP B 301 52.56 -16.20 34.25
C ASP B 301 52.23 -15.84 35.71
N ASP B 302 50.93 -16.03 36.05
CA ASP B 302 50.28 -15.81 37.35
C ASP B 302 49.09 -16.75 37.35
N ASN B 303 49.20 -17.82 38.20
CA ASN B 303 48.27 -18.93 38.51
C ASN B 303 46.76 -18.54 38.68
N ASP B 304 46.41 -17.22 38.60
CA ASP B 304 45.05 -16.68 38.77
C ASP B 304 43.99 -17.35 37.87
N ILE B 305 44.27 -17.52 36.58
CA ILE B 305 43.34 -18.21 35.67
C ILE B 305 43.44 -19.74 35.89
N SER B 306 42.29 -20.38 36.13
CA SER B 306 42.16 -21.81 36.37
C SER B 306 42.47 -22.64 35.12
N LYS B 307 42.80 -23.93 35.31
CA LYS B 307 43.10 -24.88 34.25
C LYS B 307 41.92 -24.91 33.27
N GLU B 308 40.67 -25.01 33.80
CA GLU B 308 39.39 -25.08 33.09
C GLU B 308 39.04 -23.84 32.26
N ALA B 309 39.36 -22.63 32.76
CA ALA B 309 39.12 -21.36 32.06
C ALA B 309 40.07 -21.27 30.88
N LYS B 310 41.40 -21.59 31.11
CA LYS B 310 42.44 -21.59 30.06
C LYS B 310 42.03 -22.58 28.97
N ASN B 311 41.47 -23.75 29.33
CA ASN B 311 41.02 -24.77 28.39
C ASN B 311 39.86 -24.29 27.52
N LEU B 312 38.87 -23.59 28.12
CA LEU B 312 37.70 -23.04 27.37
C LEU B 312 38.18 -21.96 26.39
N ILE B 313 38.98 -20.98 26.88
CA ILE B 313 39.54 -19.91 26.05
C ILE B 313 40.25 -20.58 24.85
N CYS B 314 41.09 -21.59 25.09
CA CYS B 314 41.82 -22.30 24.04
C CYS B 314 40.95 -23.19 23.17
N ALA B 315 39.82 -23.73 23.68
CA ALA B 315 38.89 -24.56 22.89
C ALA B 315 38.14 -23.70 21.88
N PHE B 316 37.90 -22.44 22.23
CA PHE B 316 37.23 -21.43 21.40
C PHE B 316 38.22 -20.72 20.50
N LEU B 317 39.41 -20.36 21.01
CA LEU B 317 40.44 -19.62 20.28
C LEU B 317 41.37 -20.53 19.45
N THR B 318 40.75 -21.32 18.57
CA THR B 318 41.39 -22.29 17.69
C THR B 318 40.77 -22.17 16.28
N ASP B 319 41.28 -22.93 15.28
CA ASP B 319 40.74 -22.89 13.92
C ASP B 319 39.38 -23.60 13.92
N ARG B 320 38.41 -23.05 13.19
CA ARG B 320 37.00 -23.47 13.11
C ARG B 320 36.77 -25.00 13.14
N GLU B 321 37.56 -25.75 12.36
CA GLU B 321 37.50 -27.20 12.19
C GLU B 321 37.66 -27.97 13.50
N VAL B 322 38.44 -27.44 14.45
CA VAL B 322 38.62 -28.08 15.75
C VAL B 322 38.02 -27.24 16.89
N ARG B 323 37.24 -26.19 16.56
CA ARG B 323 36.66 -25.29 17.55
C ARG B 323 35.49 -25.86 18.32
N LEU B 324 35.48 -25.63 19.65
CA LEU B 324 34.38 -26.05 20.52
C LEU B 324 33.11 -25.37 20.04
N GLY B 325 32.09 -26.17 19.78
CA GLY B 325 30.82 -25.68 19.26
C GLY B 325 30.57 -26.09 17.82
N ARG B 326 31.53 -26.83 17.21
CA ARG B 326 31.42 -27.35 15.84
C ARG B 326 30.31 -28.43 15.80
N ASN B 327 30.10 -29.11 16.94
CA ASN B 327 29.09 -30.15 17.16
C ASN B 327 27.90 -29.64 18.01
N GLY B 328 27.69 -28.31 18.01
CA GLY B 328 26.60 -27.65 18.73
C GLY B 328 26.93 -27.14 20.11
N VAL B 329 25.92 -26.53 20.78
CA VAL B 329 26.01 -25.95 22.15
C VAL B 329 26.28 -26.95 23.26
N GLU B 330 25.70 -28.16 23.18
CA GLU B 330 25.86 -29.13 24.27
C GLU B 330 27.30 -29.43 24.61
N GLU B 331 28.22 -29.43 23.62
CA GLU B 331 29.63 -29.65 23.92
C GLU B 331 30.24 -28.42 24.63
N ILE B 332 29.67 -27.19 24.45
CA ILE B 332 30.13 -25.98 25.17
C ILE B 332 29.60 -26.07 26.62
N LYS B 333 28.27 -26.30 26.74
CA LYS B 333 27.53 -26.43 28.00
C LYS B 333 28.15 -27.45 28.93
N ARG B 334 28.65 -28.58 28.38
CA ARG B 334 29.29 -29.65 29.15
C ARG B 334 30.73 -29.35 29.52
N HIS B 335 31.29 -28.18 29.14
CA HIS B 335 32.69 -27.90 29.48
C HIS B 335 32.88 -27.80 31.00
N LEU B 336 34.03 -28.29 31.48
CA LEU B 336 34.35 -28.31 32.91
C LEU B 336 34.40 -26.94 33.54
N PHE B 337 34.66 -25.88 32.74
CA PHE B 337 34.68 -24.50 33.25
C PHE B 337 33.29 -24.09 33.78
N PHE B 338 32.21 -24.61 33.16
CA PHE B 338 30.86 -24.29 33.61
C PHE B 338 30.42 -25.13 34.80
N LYS B 339 31.24 -26.12 35.24
CA LYS B 339 30.87 -26.95 36.38
C LYS B 339 30.90 -26.11 37.66
N ASN B 340 29.70 -25.96 38.25
CA ASN B 340 29.43 -25.18 39.47
C ASN B 340 28.16 -25.72 40.19
N ASP B 341 27.97 -25.32 41.47
CA ASP B 341 26.79 -25.73 42.24
C ASP B 341 25.74 -24.60 42.40
N GLN B 342 26.09 -23.37 42.01
CA GLN B 342 25.25 -22.18 42.14
C GLN B 342 24.08 -22.12 41.15
N TRP B 343 24.23 -22.62 39.92
CA TRP B 343 23.18 -22.56 38.89
C TRP B 343 23.15 -23.74 37.92
N ALA B 344 22.05 -23.81 37.16
CA ALA B 344 21.81 -24.80 36.12
C ALA B 344 21.48 -24.03 34.83
N TRP B 345 21.85 -24.57 33.67
CA TRP B 345 21.62 -23.89 32.39
C TRP B 345 20.16 -23.48 32.14
N GLU B 346 19.23 -24.39 32.44
CA GLU B 346 17.79 -24.23 32.22
C GLU B 346 17.13 -23.17 33.13
N THR B 347 17.73 -22.92 34.29
CA THR B 347 17.21 -22.01 35.32
C THR B 347 18.02 -20.69 35.50
N LEU B 348 19.21 -20.60 34.86
CA LEU B 348 20.20 -19.51 35.00
C LEU B 348 19.63 -18.08 35.10
N ARG B 349 18.69 -17.71 34.21
CA ARG B 349 18.14 -16.35 34.21
C ARG B 349 17.20 -16.05 35.41
N ASP B 350 16.94 -17.04 36.26
CA ASP B 350 16.11 -16.86 37.45
C ASP B 350 16.97 -16.73 38.70
N THR B 351 18.27 -17.01 38.56
CA THR B 351 19.23 -16.90 39.66
C THR B 351 19.57 -15.43 39.91
N VAL B 352 20.19 -15.13 41.06
CA VAL B 352 20.56 -13.76 41.39
C VAL B 352 21.90 -13.44 40.72
N ALA B 353 21.91 -12.41 39.87
CA ALA B 353 23.07 -11.97 39.07
C ALA B 353 24.25 -11.52 39.93
N PRO B 354 25.52 -11.63 39.43
CA PRO B 354 26.66 -11.24 40.26
C PRO B 354 26.61 -9.78 40.74
N VAL B 355 26.12 -8.87 39.86
CA VAL B 355 25.98 -7.42 40.10
C VAL B 355 24.53 -7.00 39.86
N VAL B 356 23.82 -6.67 40.92
CA VAL B 356 22.43 -6.25 40.79
C VAL B 356 22.37 -4.70 40.76
N PRO B 357 21.87 -4.09 39.65
CA PRO B 357 21.77 -2.62 39.61
C PRO B 357 20.92 -1.96 40.73
N ASP B 358 21.47 -0.94 41.40
CA ASP B 358 20.74 -0.15 42.40
C ASP B 358 20.30 1.10 41.64
N LEU B 359 18.99 1.18 41.32
CA LEU B 359 18.44 2.26 40.48
C LEU B 359 17.44 3.15 41.20
N SER B 360 17.58 4.48 41.03
CA SER B 360 16.78 5.53 41.68
C SER B 360 15.45 5.84 41.02
N SER B 361 15.32 5.57 39.71
CA SER B 361 14.11 5.85 38.94
C SER B 361 14.08 5.07 37.64
N ASP B 362 12.96 5.20 36.90
CA ASP B 362 12.76 4.57 35.60
C ASP B 362 13.66 5.22 34.54
N ILE B 363 14.21 6.42 34.83
CA ILE B 363 15.11 7.15 33.91
C ILE B 363 16.55 7.34 34.50
N ASP B 364 16.98 6.43 35.39
CA ASP B 364 18.31 6.42 36.04
C ASP B 364 19.37 6.04 34.97
N THR B 365 20.35 6.92 34.73
CA THR B 365 21.41 6.72 33.73
C THR B 365 22.84 6.61 34.32
N SER B 366 22.95 6.23 35.61
CA SER B 366 24.21 6.11 36.35
C SER B 366 25.25 5.17 35.71
N ASN B 367 24.80 4.17 34.92
CA ASN B 367 25.68 3.21 34.24
C ASN B 367 26.00 3.64 32.82
N PHE B 368 25.63 4.89 32.48
CA PHE B 368 25.87 5.44 31.16
C PHE B 368 26.66 6.74 31.25
N ASP B 369 27.87 6.74 30.66
CA ASP B 369 28.75 7.90 30.61
C ASP B 369 28.10 9.05 29.86
N ASP B 370 28.36 10.31 30.27
CA ASP B 370 27.74 11.48 29.62
C ASP B 370 28.15 11.62 28.14
N LEU B 371 27.19 12.10 27.31
CA LEU B 371 27.37 12.33 25.88
C LEU B 371 26.66 13.62 25.45
N GLY B 376 28.14 19.48 15.45
CA GLY B 376 28.10 18.99 14.07
C GLY B 376 26.72 19.03 13.45
N GLU B 377 26.61 19.70 12.29
CA GLU B 377 25.35 19.84 11.53
C GLU B 377 24.99 18.55 10.79
N GLU B 378 23.71 18.37 10.53
CA GLU B 378 23.20 17.21 9.80
C GLU B 378 23.16 17.57 8.30
N GLU B 379 23.93 16.83 7.49
CA GLU B 379 23.99 17.00 6.03
C GLU B 379 22.70 16.43 5.41
N THR B 380 22.14 17.14 4.44
CA THR B 380 20.90 16.74 3.80
C THR B 380 21.13 16.39 2.31
N PHE B 381 20.25 15.54 1.76
CA PHE B 381 20.27 15.12 0.36
C PHE B 381 20.01 16.33 -0.53
N PRO B 382 20.69 16.45 -1.68
CA PRO B 382 20.41 17.60 -2.59
C PRO B 382 19.06 17.46 -3.29
N ILE B 383 18.59 18.55 -3.90
CA ILE B 383 17.32 18.59 -4.64
C ILE B 383 17.55 17.82 -5.97
N PRO B 384 16.81 16.71 -6.17
CA PRO B 384 16.99 15.92 -7.39
C PRO B 384 16.43 16.57 -8.64
N LYS B 385 17.19 16.47 -9.73
CA LYS B 385 16.77 17.00 -11.03
C LYS B 385 15.81 16.00 -11.68
N ALA B 386 16.06 14.69 -11.43
CA ALA B 386 15.29 13.54 -11.89
C ALA B 386 15.01 12.61 -10.70
N PHE B 387 14.04 11.66 -10.84
CA PHE B 387 13.71 10.72 -9.78
C PHE B 387 14.95 9.92 -9.39
N VAL B 388 15.29 9.96 -8.08
CA VAL B 388 16.45 9.31 -7.44
C VAL B 388 16.01 8.13 -6.55
N GLY B 389 14.87 8.31 -5.85
CA GLY B 389 14.30 7.29 -5.00
C GLY B 389 15.09 6.99 -3.74
N ASN B 390 15.58 8.06 -3.07
CA ASN B 390 16.34 7.91 -1.82
C ASN B 390 15.55 7.28 -0.66
N GLN B 391 14.22 7.29 -0.70
CA GLN B 391 13.43 6.70 0.36
C GLN B 391 13.08 5.23 0.13
N LEU B 392 13.26 4.74 -1.11
CA LEU B 392 12.95 3.35 -1.51
C LEU B 392 13.68 2.28 -0.68
N PRO B 393 15.00 2.41 -0.33
CA PRO B 393 15.62 1.36 0.52
C PRO B 393 15.08 1.25 1.95
N PHE B 394 14.13 2.13 2.37
CA PHE B 394 13.58 2.11 3.73
C PHE B 394 12.04 1.80 3.79
N VAL B 395 11.43 1.48 2.63
CA VAL B 395 10.02 1.13 2.52
C VAL B 395 9.75 -0.21 3.22
N GLY B 396 8.89 -0.21 4.22
CA GLY B 396 8.55 -1.41 4.98
C GLY B 396 9.25 -1.53 6.31
N PHE B 397 10.02 -0.49 6.70
CA PHE B 397 10.74 -0.47 7.97
C PHE B 397 9.80 -0.27 9.16
N THR B 398 8.69 0.45 8.95
CA THR B 398 7.69 0.74 9.99
C THR B 398 7.13 -0.56 10.59
N TYR B 399 7.04 -0.59 11.92
CA TYR B 399 6.54 -1.71 12.71
C TYR B 399 5.92 -1.20 14.00
N TYR B 400 4.72 -1.73 14.35
CA TYR B 400 4.02 -1.46 15.62
C TYR B 400 3.60 -2.76 16.32
N SER B 401 3.94 -2.85 17.61
CA SER B 401 3.56 -3.96 18.45
C SER B 401 2.10 -3.72 18.89
N ASN B 402 1.36 -4.81 19.17
CA ASN B 402 -0.04 -4.78 19.63
C ASN B 402 -0.15 -5.14 21.11
#